data_9DWK
#
_entry.id   9DWK
#
_cell.length_a   1.00
_cell.length_b   1.00
_cell.length_c   1.00
_cell.angle_alpha   90.00
_cell.angle_beta   90.00
_cell.angle_gamma   90.00
#
_symmetry.space_group_name_H-M   'P 1'
#
loop_
_entity.id
_entity.type
_entity.pdbx_description
1 polymer 'Histone H3.2'
2 polymer 'Histone H4'
3 polymer 'Histone H2A type 1'
4 polymer 'Histone H2B type 1-C/E/F/G/I'
5 polymer '601 I strand (damaged strand 1)'
6 polymer '601 J strand (non-damaged strand)'
7 polymer '601 K strand (damaged strand 2)'
8 polymer 'DNA polymerase beta'
#
loop_
_entity_poly.entity_id
_entity_poly.type
_entity_poly.pdbx_seq_one_letter_code
_entity_poly.pdbx_strand_id
1 'polypeptide(L)'
;ARTKQTARKSTGGKAPRKQLATKAARKSAPATGGVKKPHRYRPGTVALREIRRYQKSTELLIRKLPFQRLVREIAQDFKT
DLRFQSSAVMALQEASEAYLVGLFEDTNLAAIHAKRVTIMPKDIQLARRIRGERA
;
A,E
2 'polypeptide(L)'
;SGRGKGGKGLGKGGAKRHRKVLRDNIQGITKPAIRRLARRGGVKRISGLIYEETRGVLKVFLENVIRDAVTYTEHAKRKT
VTAMDVVYALKRQGRTLYGFGG
;
B,F
3 'polypeptide(L)'
;SGRGKQGGKARAKAKTRSSRAGLQFPVGRVHRLLRKGNYAERVGAGAPVYLAAVLEYLTAEILELAGNAARDNKKTRIIP
RHLQLAIRNDEELNKLLGKVTIAQGGVLPNIQAVLLPKKTESHHKAKGK
;
C,G
4 'polypeptide(L)'
;PEPAKSAPAPKKGSKKAVTKAQKKDGKKRKRSRKESYSVYVYKVLKQVHPDTGISSKAMGIMNSFVNDIFERIAGEASRL
AHYNKRSTITSREIQTAVRLLLPGELAKHAVSEGTKAVTKYTSSK
;
D,H
5 'polydeoxyribonucleotide'
;(DA)(DT)(DC)(DG)(DA)(DG)(DA)(DA)(DT)(DC)(DC)(DC)(DG)(DG)(DT)(DG)(DC)(DC)(DG)(DA)
(DG)(DG)(DC)(DC)(DG)(DC)(DT)(DC)(DA)(DA)(DT)(DT)(DG)(DG)(DT)(DC)(DG)(DT)(DA)(DG)
(DA)(DC)(DA)(DG)(DC)(DT)(DC)(DT)(DA)(DG)(DC)(DA)(DC)(DC)(DG)(DC)(DT)(DT)(DA)(DA)
(DA)(DC)(DG)(DC)(DA)(DC)(DG)(DT)(DA)(DC)(DG)(DC)(DG)(DC)(DT)(DG)(DT)(DC)(DC)(DC)
(DC)(DC)(DG)(DC)(DG)(DT)(DT)(DT)(DT)(DA)(DA)(DC)(DC)(DG)(DC)(DC)(DA)(DA)(DG)(DG)
(DG)(DG)(DA)(DT)(DT)(DA)
;
I
6 'polydeoxyribonucleotide'
;(DA)(DT)(DC)(DG)(DG)(DA)(DT)(DG)(DT)(DA)(DT)(DA)(DT)(DA)(DT)(DC)(DT)(DG)(DA)(DC)
(DA)(DC)(DG)(DT)(DG)(DC)(DC)(DT)(DG)(DG)(DA)(DG)(DA)(DC)(DT)(DA)(DG)(DG)(DG)(DA)
(DG)(DT)(DA)(DA)(DT)(DC)(DC)(DC)(DC)(DT)(DT)(DG)(DG)(DC)(DG)(DG)(DT)(DT)(DA)(DA)
(DA)(DA)(DC)(DG)(DC)(DG)(DG)(DG)(DG)(DG)(DA)(DC)(DA)(DG)(DC)(DG)(DC)(DG)(DT)(DA)
(DC)(DG)(DT)(DG)(DC)(DG)(DT)(DT)(DT)(DA)(DA)(DG)(DC)(DG)(DG)(DT)(DG)(DC)(DT)(DA)
(DG)(DA)(DG)(DC)(DT)(DG)(DT)(DC)(DT)(DA)(DC)(DG)(DA)(DC)(DC)(DA)(DA)(DT)(DT)(DG)
(DA)(DG)(DC)(DG)(DG)(DC)(DC)(DT)(DC)(DG)(DG)(DC)(DA)(DC)(DC)(DG)(DG)(DG)(DA)(DT)
(DT)(DC)(DT)(DC)(DG)(DA)(DT)
;
J
7 'polydeoxyribonucleotide'
;(DT)(DC)(DC)(DC)(DT)(DA)(DG)(DT)(DC)(DT)(DC)(DC)(DA)(DG)(DG)(DC)(DA)(DC)(DG)(DT)
(DG)(DT)(DC)(DA)(DG)(DA)(DT)(DA)(DT)(DA)(DT)(DC)(DC)(DA)(DT)(DC)(DC)(DG)(DA)(DT)
;
K
8 'polypeptide(L)'
;MSKRKAPQETLNGGITDMLTELANFEKNVSQAIHKYNAYRKAASVIAKYPHKIKSGAEAKKLPGVGTKIAEKIDEFLATG
KLRKLEKIRQDDTSSSINFLTRVSGIGPSAARKFVDEGIKTLEDLRKNEDKLNHHQRIGLKYFGDFEKRIPREEMLQMQD
IVLNEVKKVDSEYIATVCGSFRRGAESSGDMDVLLTHPSFTSESTKQPKLLHQVVEQLQKVHFITDTLSKGETKFMGVCQ
LPSKNDEKEYPHRRIDIRLIPKDQYYCGVLYFTGSDIFNKNMRAHALEKGFTINEYTIRPLGVTGVAGEPLPVDSEKDIF
DYIQWKYREPKDRSE
;
L
#
loop_
_chem_comp.id
_chem_comp.type
_chem_comp.name
_chem_comp.formula
DA DNA linking 2'-DEOXYADENOSINE-5'-MONOPHOSPHATE 'C10 H14 N5 O6 P'
DC DNA linking 2'-DEOXYCYTIDINE-5'-MONOPHOSPHATE 'C9 H14 N3 O7 P'
DG DNA linking 2'-DEOXYGUANOSINE-5'-MONOPHOSPHATE 'C10 H14 N5 O7 P'
DT DNA linking THYMIDINE-5'-MONOPHOSPHATE 'C10 H15 N2 O8 P'
#
# COMPACT_ATOMS: atom_id res chain seq x y z
N TYR A 41 21.05 27.32 52.23
CA TYR A 41 22.09 27.34 51.20
C TYR A 41 21.74 28.32 50.09
N ARG A 42 22.47 28.22 48.98
CA ARG A 42 22.22 29.12 47.85
C ARG A 42 20.87 28.79 47.23
N PRO A 43 20.01 29.79 47.03
CA PRO A 43 18.72 29.53 46.39
C PRO A 43 18.91 29.00 44.98
N GLY A 44 18.39 27.80 44.74
CA GLY A 44 18.57 27.16 43.45
C GLY A 44 19.47 25.94 43.54
N THR A 45 20.51 26.04 44.38
CA THR A 45 21.43 24.93 44.55
C THR A 45 20.71 23.72 45.12
N VAL A 46 19.89 23.92 46.15
CA VAL A 46 19.04 22.86 46.66
C VAL A 46 18.04 22.43 45.58
N ALA A 47 17.53 23.40 44.82
CA ALA A 47 16.58 23.09 43.76
C ALA A 47 17.23 22.23 42.68
N LEU A 48 18.42 22.61 42.23
CA LEU A 48 19.10 21.82 41.21
C LEU A 48 19.50 20.45 41.74
N ARG A 49 19.92 20.38 43.01
CA ARG A 49 20.23 19.08 43.59
C ARG A 49 19.01 18.18 43.62
N GLU A 50 17.85 18.72 44.02
CA GLU A 50 16.63 17.93 44.03
C GLU A 50 16.21 17.55 42.63
N ILE A 51 16.42 18.44 41.65
CA ILE A 51 16.14 18.19 40.25
C ILE A 51 16.93 16.97 39.76
N ARG A 52 18.24 16.99 40.00
CA ARG A 52 19.07 15.87 39.62
C ARG A 52 18.71 14.59 40.38
N ARG A 53 18.35 14.71 41.65
CA ARG A 53 17.98 13.53 42.43
C ARG A 53 16.68 12.92 41.95
N TYR A 54 15.75 13.74 41.50
CA TYR A 54 14.49 13.24 40.97
C TYR A 54 14.67 12.66 39.58
N GLN A 55 15.58 13.22 38.80
CA GLN A 55 15.85 12.71 37.46
C GLN A 55 16.65 11.41 37.50
N LYS A 56 17.48 11.20 38.52
CA LYS A 56 18.20 9.95 38.66
C LYS A 56 17.28 8.84 39.17
N SER A 57 16.31 9.18 40.01
CA SER A 57 15.47 8.19 40.66
C SER A 57 14.41 7.66 39.69
N THR A 58 13.66 6.67 40.15
CA THR A 58 12.60 6.08 39.34
C THR A 58 11.35 5.77 40.15
N GLU A 59 11.21 6.31 41.36
CA GLU A 59 10.07 5.99 42.21
C GLU A 59 8.82 6.71 41.71
N LEU A 60 7.72 6.59 42.44
CA LEU A 60 6.45 7.17 42.00
C LEU A 60 6.25 8.59 42.50
N LEU A 61 6.74 8.91 43.70
CA LEU A 61 6.64 10.22 44.33
C LEU A 61 5.20 10.66 44.56
N ILE A 62 4.24 9.75 44.50
CA ILE A 62 2.83 10.05 44.69
C ILE A 62 2.29 9.19 45.81
N ARG A 63 1.54 9.80 46.72
CA ARG A 63 0.91 9.05 47.80
C ARG A 63 -0.12 8.08 47.23
N LYS A 64 0.10 6.79 47.43
CA LYS A 64 -0.76 5.78 46.85
C LYS A 64 -2.16 5.79 47.46
N LEU A 65 -2.26 6.03 48.76
CA LEU A 65 -3.58 6.11 49.38
C LEU A 65 -4.39 7.29 48.84
N PRO A 66 -3.86 8.50 48.76
CA PRO A 66 -4.63 9.59 48.13
C PRO A 66 -4.95 9.33 46.68
N PHE A 67 -4.04 8.69 45.95
CA PHE A 67 -4.31 8.36 44.55
C PHE A 67 -5.47 7.39 44.44
N GLN A 68 -5.50 6.37 45.30
CA GLN A 68 -6.61 5.43 45.32
C GLN A 68 -7.91 6.16 45.66
N ARG A 69 -7.85 7.09 46.62
CA ARG A 69 -9.03 7.85 46.98
C ARG A 69 -9.54 8.67 45.80
N LEU A 70 -8.63 9.30 45.06
CA LEU A 70 -9.04 10.11 43.92
C LEU A 70 -9.61 9.24 42.81
N VAL A 71 -9.00 8.07 42.59
CA VAL A 71 -9.50 7.17 41.56
C VAL A 71 -10.89 6.69 41.91
N ARG A 72 -11.11 6.35 43.18
CA ARG A 72 -12.44 5.94 43.61
C ARG A 72 -13.44 7.08 43.48
N GLU A 73 -13.02 8.30 43.80
CA GLU A 73 -13.90 9.46 43.69
C GLU A 73 -14.33 9.67 42.24
N ILE A 74 -13.38 9.56 41.32
CA ILE A 74 -13.72 9.70 39.91
C ILE A 74 -14.58 8.54 39.44
N ALA A 75 -14.35 7.35 39.97
CA ALA A 75 -15.12 6.19 39.55
C ALA A 75 -16.55 6.26 40.06
N GLN A 76 -16.78 6.92 41.20
CA GLN A 76 -18.13 7.12 41.68
C GLN A 76 -18.95 7.95 40.69
N ASP A 77 -18.30 8.80 39.91
CA ASP A 77 -19.01 9.55 38.88
C ASP A 77 -19.39 8.67 37.69
N PHE A 78 -18.76 7.51 37.54
CA PHE A 78 -19.01 6.65 36.39
C PHE A 78 -19.82 5.41 36.72
N LYS A 79 -19.48 4.70 37.79
CA LYS A 79 -20.24 3.53 38.19
C LYS A 79 -20.06 3.31 39.68
N THR A 80 -21.16 3.31 40.42
CA THR A 80 -21.10 3.13 41.86
C THR A 80 -20.76 1.69 42.21
N ASP A 81 -20.04 1.53 43.31
CA ASP A 81 -19.71 0.23 43.90
C ASP A 81 -18.94 -0.64 42.90
N LEU A 82 -17.80 -0.13 42.48
CA LEU A 82 -16.90 -0.84 41.58
C LEU A 82 -15.62 -1.23 42.31
N ARG A 83 -14.99 -2.31 41.85
CA ARG A 83 -13.76 -2.81 42.45
C ARG A 83 -12.59 -2.57 41.52
N PHE A 84 -11.42 -2.34 42.11
CA PHE A 84 -10.21 -2.03 41.36
C PHE A 84 -9.06 -2.90 41.86
N GLN A 85 -8.39 -3.59 40.95
CA GLN A 85 -7.20 -4.36 41.32
C GLN A 85 -6.06 -3.42 41.72
N SER A 86 -5.26 -3.86 42.69
CA SER A 86 -4.22 -3.00 43.24
C SER A 86 -3.16 -2.66 42.19
N SER A 87 -2.75 -3.65 41.40
CA SER A 87 -1.78 -3.39 40.34
C SER A 87 -2.34 -2.42 39.33
N ALA A 88 -3.64 -2.47 39.07
CA ALA A 88 -4.27 -1.49 38.20
C ALA A 88 -4.15 -0.09 38.79
N VAL A 89 -4.30 0.03 40.10
CA VAL A 89 -4.15 1.33 40.74
C VAL A 89 -2.74 1.83 40.58
N MET A 90 -1.74 0.94 40.77
CA MET A 90 -0.36 1.38 40.61
C MET A 90 -0.06 1.79 39.18
N ALA A 91 -0.62 1.06 38.21
CA ALA A 91 -0.40 1.41 36.82
C ALA A 91 -1.03 2.75 36.47
N LEU A 92 -2.26 3.00 36.96
CA LEU A 92 -2.88 4.29 36.70
C LEU A 92 -2.08 5.42 37.33
N GLN A 93 -1.60 5.21 38.56
CA GLN A 93 -0.76 6.22 39.21
C GLN A 93 0.49 6.51 38.38
N GLU A 94 1.14 5.45 37.89
CA GLU A 94 2.35 5.65 37.08
C GLU A 94 2.03 6.38 35.79
N ALA A 95 0.91 6.05 35.16
CA ALA A 95 0.53 6.74 33.93
C ALA A 95 0.27 8.21 34.20
N SER A 96 -0.39 8.50 35.32
CA SER A 96 -0.61 9.90 35.71
C SER A 96 0.72 10.60 35.93
N GLU A 97 1.68 9.91 36.56
CA GLU A 97 2.99 10.49 36.76
C GLU A 97 3.65 10.80 35.42
N ALA A 98 3.53 9.88 34.47
CA ALA A 98 4.12 10.11 33.15
C ALA A 98 3.49 11.31 32.47
N TYR A 99 2.17 11.41 32.51
CA TYR A 99 1.49 12.54 31.87
C TYR A 99 1.90 13.85 32.51
N LEU A 100 1.95 13.88 33.84
CA LEU A 100 2.36 15.09 34.54
C LEU A 100 3.81 15.44 34.22
N VAL A 101 4.68 14.45 34.10
CA VAL A 101 6.08 14.73 33.80
C VAL A 101 6.20 15.34 32.40
N GLY A 102 5.50 14.76 31.43
CA GLY A 102 5.55 15.31 30.09
C GLY A 102 4.99 16.72 30.03
N LEU A 103 3.86 16.95 30.70
CA LEU A 103 3.28 18.28 30.70
C LEU A 103 4.20 19.28 31.36
N PHE A 104 4.85 18.89 32.45
CA PHE A 104 5.74 19.83 33.13
C PHE A 104 6.99 20.11 32.31
N GLU A 105 7.52 19.09 31.62
CA GLU A 105 8.67 19.30 30.76
C GLU A 105 8.33 20.25 29.63
N ASP A 106 7.15 20.07 29.04
CA ASP A 106 6.70 21.00 28.00
C ASP A 106 6.53 22.40 28.56
N THR A 107 6.01 22.52 29.78
CA THR A 107 5.82 23.84 30.37
C THR A 107 7.16 24.54 30.59
N ASN A 108 8.16 23.80 31.07
CA ASN A 108 9.48 24.41 31.27
C ASN A 108 10.08 24.81 29.93
N LEU A 109 9.92 23.97 28.91
CA LEU A 109 10.41 24.34 27.59
C LEU A 109 9.75 25.61 27.09
N ALA A 110 8.44 25.75 27.33
CA ALA A 110 7.73 26.96 26.94
C ALA A 110 8.25 28.17 27.72
N ALA A 111 8.51 27.99 29.01
CA ALA A 111 9.00 29.09 29.82
C ALA A 111 10.35 29.57 29.30
N ILE A 112 11.21 28.64 28.93
CA ILE A 112 12.46 29.03 28.28
C ILE A 112 12.18 29.70 26.95
N HIS A 113 11.16 29.23 26.22
CA HIS A 113 10.76 29.90 24.99
C HIS A 113 10.17 31.28 25.28
N ALA A 114 9.46 31.42 26.40
CA ALA A 114 8.89 32.69 26.77
C ALA A 114 9.82 33.53 27.62
N LYS A 115 11.12 33.20 27.63
CA LYS A 115 12.14 33.95 28.35
C LYS A 115 11.78 34.13 29.83
N ARG A 116 11.11 33.15 30.41
CA ARG A 116 10.71 33.22 31.81
C ARG A 116 11.26 32.02 32.55
N VAL A 117 11.67 32.23 33.79
CA VAL A 117 12.28 31.16 34.56
C VAL A 117 11.27 30.44 35.45
N THR A 118 10.25 31.15 35.94
CA THR A 118 9.21 30.51 36.73
C THR A 118 8.11 30.00 35.81
N ILE A 119 7.67 28.77 36.05
CA ILE A 119 6.59 28.19 35.25
C ILE A 119 5.26 28.71 35.76
N MET A 120 4.47 29.31 34.87
CA MET A 120 3.21 29.93 35.21
C MET A 120 2.05 29.19 34.56
N PRO A 121 0.83 29.37 35.06
CA PRO A 121 -0.31 28.66 34.48
C PRO A 121 -0.53 28.98 33.01
N LYS A 122 -0.13 30.18 32.57
CA LYS A 122 -0.20 30.51 31.15
C LYS A 122 0.64 29.54 30.33
N ASP A 123 1.79 29.13 30.86
CA ASP A 123 2.60 28.14 30.16
C ASP A 123 1.88 26.81 30.06
N ILE A 124 1.18 26.41 31.13
CA ILE A 124 0.44 25.15 31.09
C ILE A 124 -0.66 25.20 30.05
N GLN A 125 -1.38 26.33 29.98
CA GLN A 125 -2.41 26.45 28.96
C GLN A 125 -1.84 26.50 27.55
N LEU A 126 -0.69 27.17 27.37
CA LEU A 126 -0.04 27.19 26.06
C LEU A 126 0.36 25.79 25.64
N ALA A 127 0.92 25.02 26.56
CA ALA A 127 1.30 23.65 26.24
C ALA A 127 0.08 22.80 25.89
N ARG A 128 -0.99 22.92 26.69
CA ARG A 128 -2.18 22.11 26.44
C ARG A 128 -2.81 22.46 25.10
N ARG A 129 -2.75 23.74 24.71
CA ARG A 129 -3.21 24.12 23.38
C ARG A 129 -2.28 23.59 22.30
N ILE A 130 -0.97 23.68 22.52
CA ILE A 130 -0.01 23.19 21.55
C ILE A 130 -0.05 21.67 21.49
N ARG A 131 -0.21 21.01 22.63
CA ARG A 131 -0.28 19.55 22.64
C ARG A 131 -1.60 19.02 22.09
N GLY A 132 -2.59 19.87 21.90
CA GLY A 132 -3.86 19.45 21.33
C GLY A 132 -4.81 18.80 22.30
N GLU A 133 -4.54 18.86 23.60
CA GLU A 133 -5.45 18.29 24.59
C GLU A 133 -6.78 19.03 24.60
N ARG A 134 -6.73 20.36 24.66
CA ARG A 134 -7.93 21.18 24.65
C ARG A 134 -7.63 22.57 24.12
N LEU B 22 -15.04 13.56 46.87
CA LEU B 22 -15.18 13.03 48.22
C LEU B 22 -13.99 13.45 49.09
N ARG B 23 -14.30 14.21 50.15
CA ARG B 23 -13.30 14.72 51.08
C ARG B 23 -12.21 15.51 50.37
N ASP B 24 -12.60 16.25 49.34
CA ASP B 24 -11.71 17.02 48.48
C ASP B 24 -10.48 16.20 48.10
N ASN B 25 -10.73 15.03 47.52
CA ASN B 25 -9.64 14.13 47.18
C ASN B 25 -8.70 14.71 46.14
N ILE B 26 -9.16 15.69 45.36
CA ILE B 26 -8.28 16.37 44.42
C ILE B 26 -7.20 17.13 45.17
N GLN B 27 -7.50 17.59 46.37
CA GLN B 27 -6.50 18.24 47.21
C GLN B 27 -5.49 17.26 47.78
N GLY B 28 -5.69 15.95 47.58
CA GLY B 28 -4.74 14.98 48.06
C GLY B 28 -3.37 15.11 47.44
N ILE B 29 -3.29 15.66 46.23
CA ILE B 29 -2.01 15.90 45.55
C ILE B 29 -1.38 17.11 46.22
N THR B 30 -0.39 16.88 47.10
CA THR B 30 0.17 17.93 47.91
C THR B 30 1.06 18.85 47.07
N LYS B 31 1.24 20.07 47.58
CA LYS B 31 2.13 21.02 46.94
C LYS B 31 3.55 20.49 46.89
N PRO B 32 4.10 19.92 47.97
CA PRO B 32 5.41 19.28 47.85
C PRO B 32 5.42 18.12 46.89
N ALA B 33 4.32 17.37 46.78
CA ALA B 33 4.25 16.30 45.79
C ALA B 33 4.28 16.86 44.37
N ILE B 34 3.55 17.94 44.14
CA ILE B 34 3.57 18.57 42.83
C ILE B 34 4.97 19.10 42.53
N ARG B 35 5.64 19.66 43.54
CA ARG B 35 7.01 20.12 43.34
C ARG B 35 7.95 18.96 43.04
N ARG B 36 7.76 17.82 43.70
CA ARG B 36 8.56 16.64 43.42
C ARG B 36 8.36 16.18 41.99
N LEU B 37 7.12 16.18 41.53
CA LEU B 37 6.84 15.80 40.15
C LEU B 37 7.46 16.78 39.17
N ALA B 38 7.42 18.07 39.49
CA ALA B 38 8.00 19.07 38.60
C ALA B 38 9.50 18.96 38.56
N ARG B 39 10.12 18.62 39.69
CA ARG B 39 11.56 18.39 39.71
C ARG B 39 11.92 17.14 38.93
N ARG B 40 11.09 16.10 39.00
CA ARG B 40 11.26 14.98 38.08
C ARG B 40 11.01 15.42 36.65
N GLY B 41 10.11 16.39 36.45
CA GLY B 41 9.94 17.01 35.16
C GLY B 41 10.99 18.04 34.81
N GLY B 42 11.95 18.28 35.70
CA GLY B 42 13.00 19.23 35.40
C GLY B 42 12.56 20.66 35.36
N VAL B 43 11.71 21.08 36.28
CA VAL B 43 11.21 22.45 36.35
C VAL B 43 12.00 23.18 37.41
N LYS B 44 12.48 24.38 37.07
CA LYS B 44 13.37 25.11 37.96
C LYS B 44 12.63 26.06 38.89
N ARG B 45 11.47 26.57 38.50
CA ARG B 45 10.69 27.45 39.36
C ARG B 45 9.23 27.36 38.94
N ILE B 46 8.33 27.20 39.91
CA ILE B 46 6.91 26.98 39.65
C ILE B 46 6.10 27.99 40.44
N SER B 47 5.15 28.63 39.76
CA SER B 47 4.34 29.64 40.40
C SER B 47 3.30 29.01 41.32
N GLY B 48 2.68 29.84 42.16
CA GLY B 48 1.72 29.33 43.10
C GLY B 48 0.41 28.90 42.47
N LEU B 49 0.04 29.52 41.35
CA LEU B 49 -1.18 29.13 40.66
C LEU B 49 -1.03 27.80 39.95
N ILE B 50 0.21 27.35 39.74
CA ILE B 50 0.44 26.10 39.04
C ILE B 50 -0.17 24.93 39.80
N TYR B 51 -0.10 24.98 41.12
CA TYR B 51 -0.49 23.84 41.94
C TYR B 51 -1.98 23.49 41.82
N GLU B 52 -2.82 24.43 41.35
CA GLU B 52 -4.23 24.14 41.21
C GLU B 52 -4.60 23.71 39.79
N GLU B 53 -4.10 24.42 38.80
CA GLU B 53 -4.34 24.03 37.42
C GLU B 53 -3.72 22.68 37.11
N THR B 54 -2.60 22.37 37.75
CA THR B 54 -2.01 21.04 37.65
C THR B 54 -2.99 19.98 38.14
N ARG B 55 -3.58 20.20 39.31
CA ARG B 55 -4.58 19.28 39.83
C ARG B 55 -5.75 19.15 38.87
N GLY B 56 -6.17 20.27 38.29
CA GLY B 56 -7.24 20.22 37.31
C GLY B 56 -6.91 19.34 36.12
N VAL B 57 -5.71 19.53 35.55
CA VAL B 57 -5.32 18.75 34.38
C VAL B 57 -5.15 17.29 34.75
N LEU B 58 -4.63 17.03 35.94
CA LEU B 58 -4.49 15.66 36.42
C LEU B 58 -5.84 14.98 36.47
N LYS B 59 -6.84 15.68 37.01
CA LYS B 59 -8.21 15.17 37.03
C LYS B 59 -8.72 14.92 35.63
N VAL B 60 -8.43 15.84 34.71
CA VAL B 60 -8.92 15.70 33.34
C VAL B 60 -8.37 14.42 32.71
N PHE B 61 -7.07 14.21 32.83
CA PHE B 61 -6.47 12.99 32.28
C PHE B 61 -7.03 11.75 32.98
N LEU B 62 -7.13 11.80 34.32
CA LEU B 62 -7.63 10.67 35.06
C LEU B 62 -9.09 10.40 34.74
N GLU B 63 -9.89 11.45 34.58
CA GLU B 63 -11.29 11.25 34.23
C GLU B 63 -11.43 10.63 32.84
N ASN B 64 -10.70 11.16 31.86
CA ASN B 64 -10.81 10.63 30.51
C ASN B 64 -10.27 9.21 30.41
N VAL B 65 -9.47 8.79 31.37
CA VAL B 65 -8.98 7.42 31.41
C VAL B 65 -9.93 6.51 32.16
N ILE B 66 -10.47 7.00 33.27
CA ILE B 66 -11.35 6.17 34.10
C ILE B 66 -12.67 5.91 33.40
N ARG B 67 -13.16 6.89 32.63
CA ARG B 67 -14.36 6.68 31.84
C ARG B 67 -14.20 5.47 30.92
N ASP B 68 -13.12 5.48 30.13
CA ASP B 68 -12.88 4.37 29.22
C ASP B 68 -12.63 3.07 29.97
N ALA B 69 -11.94 3.15 31.11
CA ALA B 69 -11.69 1.95 31.90
C ALA B 69 -12.99 1.31 32.36
N VAL B 70 -13.90 2.12 32.92
CA VAL B 70 -15.18 1.59 33.37
C VAL B 70 -15.98 1.08 32.20
N THR B 71 -15.86 1.74 31.05
CA THR B 71 -16.53 1.24 29.85
C THR B 71 -16.03 -0.16 29.50
N TYR B 72 -14.71 -0.35 29.51
CA TYR B 72 -14.15 -1.65 29.19
C TYR B 72 -14.58 -2.69 30.22
N THR B 73 -14.53 -2.32 31.50
CA THR B 73 -14.88 -3.28 32.53
C THR B 73 -16.36 -3.65 32.48
N GLU B 74 -17.22 -2.70 32.14
CA GLU B 74 -18.64 -2.99 31.99
C GLU B 74 -18.88 -3.87 30.79
N HIS B 75 -18.15 -3.63 29.70
CA HIS B 75 -18.24 -4.53 28.56
C HIS B 75 -17.69 -5.90 28.91
N ALA B 76 -16.77 -5.95 29.87
CA ALA B 76 -16.32 -7.23 30.42
C ALA B 76 -17.34 -7.83 31.37
N LYS B 77 -18.38 -7.09 31.72
CA LYS B 77 -19.44 -7.55 32.63
C LYS B 77 -18.85 -8.06 33.94
N ARG B 78 -17.79 -7.40 34.39
CA ARG B 78 -17.08 -7.79 35.59
C ARG B 78 -17.20 -6.67 36.62
N LYS B 79 -17.21 -7.06 37.89
CA LYS B 79 -17.43 -6.12 38.99
C LYS B 79 -16.11 -5.58 39.54
N THR B 80 -14.99 -5.95 38.96
CA THR B 80 -13.68 -5.47 39.38
C THR B 80 -12.95 -4.91 38.18
N VAL B 81 -12.25 -3.80 38.36
CA VAL B 81 -11.48 -3.19 37.28
C VAL B 81 -10.15 -3.92 37.15
N THR B 82 -9.88 -4.47 35.98
CA THR B 82 -8.63 -5.16 35.74
C THR B 82 -7.58 -4.20 35.20
N ALA B 83 -6.32 -4.57 35.41
CA ALA B 83 -5.23 -3.73 34.93
C ALA B 83 -5.11 -3.79 33.42
N MET B 84 -5.35 -4.97 32.83
CA MET B 84 -5.30 -5.09 31.38
C MET B 84 -6.32 -4.18 30.72
N ASP B 85 -7.47 -4.00 31.38
CA ASP B 85 -8.44 -3.02 30.88
C ASP B 85 -7.85 -1.62 30.88
N VAL B 86 -7.09 -1.28 31.93
CA VAL B 86 -6.46 0.03 31.98
C VAL B 86 -5.46 0.17 30.84
N VAL B 87 -4.71 -0.89 30.58
CA VAL B 87 -3.73 -0.85 29.48
C VAL B 87 -4.44 -0.65 28.15
N TYR B 88 -5.53 -1.38 27.93
CA TYR B 88 -6.26 -1.25 26.68
C TYR B 88 -6.83 0.15 26.52
N ALA B 89 -7.35 0.72 27.60
CA ALA B 89 -7.88 2.08 27.54
C ALA B 89 -6.76 3.08 27.26
N LEU B 90 -5.60 2.89 27.87
CA LEU B 90 -4.49 3.81 27.64
C LEU B 90 -4.02 3.74 26.20
N LYS B 91 -4.03 2.55 25.60
CA LYS B 91 -3.77 2.45 24.18
C LYS B 91 -4.85 3.14 23.37
N ARG B 92 -6.10 3.02 23.79
CA ARG B 92 -7.18 3.77 23.16
C ARG B 92 -7.01 5.27 23.37
N GLN B 93 -6.36 5.66 24.46
CA GLN B 93 -6.02 7.05 24.68
C GLN B 93 -4.66 7.41 24.10
N GLY B 94 -4.05 6.49 23.36
CA GLY B 94 -2.82 6.78 22.65
C GLY B 94 -1.56 6.78 23.47
N ARG B 95 -1.64 6.47 24.75
CA ARG B 95 -0.45 6.40 25.62
C ARG B 95 -0.15 4.93 25.88
N THR B 96 0.75 4.37 25.08
CA THR B 96 1.16 2.98 25.30
C THR B 96 1.94 2.87 26.59
N LEU B 97 1.53 1.92 27.43
CA LEU B 97 2.14 1.71 28.74
C LEU B 97 2.69 0.29 28.80
N TYR B 98 3.90 0.16 29.33
CA TYR B 98 4.51 -1.13 29.56
C TYR B 98 4.66 -1.35 31.06
N GLY B 99 4.61 -2.61 31.48
CA GLY B 99 4.69 -2.96 32.88
C GLY B 99 3.50 -3.72 33.42
N PHE B 100 2.52 -4.04 32.58
CA PHE B 100 1.37 -4.81 33.03
C PHE B 100 1.02 -5.98 32.13
N GLY B 101 1.66 -6.11 30.97
CA GLY B 101 1.36 -7.21 30.07
C GLY B 101 0.68 -6.77 28.80
N LYS C 15 -39.07 -7.58 2.46
CA LYS C 15 -38.92 -6.35 3.22
C LYS C 15 -37.45 -6.07 3.49
N THR C 16 -37.04 -4.82 3.26
CA THR C 16 -35.67 -4.44 3.54
C THR C 16 -35.43 -4.40 5.05
N ARG C 17 -34.24 -4.81 5.46
CA ARG C 17 -33.91 -4.80 6.87
C ARG C 17 -33.79 -3.38 7.40
N SER C 18 -33.32 -2.44 6.59
CA SER C 18 -33.27 -1.05 7.04
C SER C 18 -34.68 -0.48 7.22
N SER C 19 -35.60 -0.91 6.36
CA SER C 19 -37.00 -0.56 6.57
C SER C 19 -37.58 -1.31 7.76
N ARG C 20 -37.14 -2.55 7.97
CA ARG C 20 -37.54 -3.29 9.15
C ARG C 20 -37.04 -2.62 10.43
N ALA C 21 -35.95 -1.86 10.34
CA ALA C 21 -35.50 -1.01 11.42
C ALA C 21 -35.98 0.43 11.26
N GLY C 22 -36.42 0.81 10.06
CA GLY C 22 -36.82 2.18 9.82
C GLY C 22 -35.69 3.11 9.50
N LEU C 23 -34.53 2.59 9.12
CA LEU C 23 -33.35 3.41 8.89
C LEU C 23 -33.29 3.85 7.44
N GLN C 24 -32.38 4.79 7.18
CA GLN C 24 -32.15 5.27 5.83
C GLN C 24 -30.84 4.77 5.22
N PHE C 25 -29.80 4.61 6.03
CA PHE C 25 -28.56 4.03 5.51
C PHE C 25 -28.75 2.53 5.29
N PRO C 26 -28.03 1.94 4.34
CA PRO C 26 -28.27 0.54 4.01
C PRO C 26 -27.74 -0.41 5.08
N VAL C 27 -28.58 -1.39 5.44
CA VAL C 27 -28.22 -2.31 6.51
C VAL C 27 -27.45 -3.50 5.96
N GLY C 28 -27.96 -4.15 4.93
CA GLY C 28 -27.30 -5.31 4.39
C GLY C 28 -25.97 -4.98 3.75
N ARG C 29 -25.83 -3.78 3.22
CA ARG C 29 -24.52 -3.33 2.74
C ARG C 29 -23.52 -3.31 3.87
N VAL C 30 -23.94 -2.81 5.03
CA VAL C 30 -23.08 -2.81 6.21
C VAL C 30 -22.75 -4.24 6.62
N HIS C 31 -23.74 -5.13 6.54
CA HIS C 31 -23.50 -6.53 6.90
C HIS C 31 -22.45 -7.15 6.00
N ARG C 32 -22.56 -6.89 4.70
CA ARG C 32 -21.58 -7.42 3.75
C ARG C 32 -20.20 -6.82 4.00
N LEU C 33 -20.14 -5.52 4.29
CA LEU C 33 -18.86 -4.89 4.57
C LEU C 33 -18.22 -5.48 5.82
N LEU C 34 -19.02 -5.69 6.86
CA LEU C 34 -18.49 -6.23 8.10
C LEU C 34 -17.99 -7.65 7.93
N ARG C 35 -18.74 -8.47 7.19
CA ARG C 35 -18.28 -9.82 6.90
C ARG C 35 -16.99 -9.80 6.10
N LYS C 36 -16.95 -8.96 5.06
CA LYS C 36 -15.76 -8.86 4.22
C LYS C 36 -14.63 -8.13 4.93
N GLY C 37 -14.90 -7.41 6.00
CA GLY C 37 -13.87 -6.64 6.65
C GLY C 37 -12.86 -7.45 7.43
N ASN C 38 -13.04 -8.77 7.51
CA ASN C 38 -12.16 -9.64 8.28
C ASN C 38 -12.00 -9.15 9.70
N TYR C 39 -13.04 -8.52 10.24
CA TYR C 39 -12.94 -7.91 11.56
C TYR C 39 -13.08 -8.94 12.67
N ALA C 40 -13.84 -10.01 12.44
CA ALA C 40 -14.13 -10.98 13.50
C ALA C 40 -14.50 -12.32 12.89
N GLU C 41 -14.48 -13.35 13.73
CA GLU C 41 -14.88 -14.68 13.28
C GLU C 41 -16.38 -14.74 12.98
N ARG C 42 -17.21 -14.15 13.83
CA ARG C 42 -18.65 -14.15 13.63
C ARG C 42 -19.18 -12.75 13.85
N VAL C 43 -20.31 -12.46 13.19
CA VAL C 43 -20.92 -11.13 13.21
C VAL C 43 -22.39 -11.29 13.58
N GLY C 44 -22.82 -10.63 14.65
CA GLY C 44 -24.18 -10.70 15.09
C GLY C 44 -25.12 -9.84 14.27
N ALA C 45 -26.41 -10.09 14.46
CA ALA C 45 -27.42 -9.41 13.64
C ALA C 45 -27.57 -7.96 14.03
N GLY C 46 -27.64 -7.66 15.33
CA GLY C 46 -27.91 -6.31 15.75
C GLY C 46 -26.74 -5.36 15.61
N ALA C 47 -25.54 -5.90 15.37
CA ALA C 47 -24.38 -5.05 15.14
C ALA C 47 -24.56 -4.17 13.91
N PRO C 48 -25.02 -4.69 12.78
CA PRO C 48 -25.27 -3.80 11.64
C PRO C 48 -26.31 -2.75 11.95
N VAL C 49 -27.32 -3.09 12.74
CA VAL C 49 -28.33 -2.10 13.10
C VAL C 49 -27.71 -0.98 13.92
N TYR C 50 -26.91 -1.34 14.92
CA TYR C 50 -26.30 -0.32 15.76
C TYR C 50 -25.34 0.55 14.94
N LEU C 51 -24.54 -0.07 14.08
CA LEU C 51 -23.60 0.70 13.26
C LEU C 51 -24.33 1.64 12.32
N ALA C 52 -25.38 1.16 11.69
CA ALA C 52 -26.16 2.01 10.79
C ALA C 52 -26.80 3.16 11.54
N ALA C 53 -27.31 2.89 12.74
CA ALA C 53 -27.92 3.94 13.53
C ALA C 53 -26.90 5.01 13.88
N VAL C 54 -25.69 4.58 14.27
CA VAL C 54 -24.66 5.56 14.63
C VAL C 54 -24.27 6.37 13.41
N LEU C 55 -24.14 5.72 12.25
CA LEU C 55 -23.82 6.45 11.03
C LEU C 55 -24.90 7.45 10.69
N GLU C 56 -26.16 7.05 10.84
CA GLU C 56 -27.26 7.97 10.55
C GLU C 56 -27.25 9.15 11.50
N TYR C 57 -27.02 8.91 12.79
CA TYR C 57 -27.01 10.00 13.76
C TYR C 57 -25.89 10.98 13.46
N LEU C 58 -24.69 10.46 13.18
CA LEU C 58 -23.57 11.34 12.88
C LEU C 58 -23.81 12.13 11.60
N THR C 59 -24.33 11.46 10.56
CA THR C 59 -24.59 12.14 9.31
C THR C 59 -25.64 13.22 9.48
N ALA C 60 -26.69 12.93 10.26
CA ALA C 60 -27.73 13.93 10.49
C ALA C 60 -27.18 15.12 11.26
N GLU C 61 -26.37 14.87 12.29
CA GLU C 61 -25.80 15.97 13.05
C GLU C 61 -24.92 16.84 12.19
N ILE C 62 -24.11 16.22 11.32
CA ILE C 62 -23.25 17.00 10.44
C ILE C 62 -24.08 17.78 9.43
N LEU C 63 -25.08 17.12 8.85
CA LEU C 63 -25.82 17.73 7.75
C LEU C 63 -26.69 18.88 8.24
N GLU C 64 -27.26 18.76 9.43
CA GLU C 64 -28.08 19.85 9.96
C GLU C 64 -27.23 21.10 10.21
N LEU C 65 -26.04 20.91 10.79
CA LEU C 65 -25.14 22.03 11.00
C LEU C 65 -24.69 22.62 9.68
N ALA C 66 -24.44 21.77 8.69
CA ALA C 66 -24.06 22.26 7.37
C ALA C 66 -25.17 23.09 6.74
N GLY C 67 -26.41 22.63 6.87
CA GLY C 67 -27.53 23.37 6.31
C GLY C 67 -27.73 24.70 7.01
N ASN C 68 -27.58 24.72 8.33
CA ASN C 68 -27.64 25.99 9.05
C ASN C 68 -26.55 26.93 8.60
N ALA C 69 -25.34 26.42 8.39
CA ALA C 69 -24.24 27.24 7.91
C ALA C 69 -24.52 27.78 6.52
N ALA C 70 -25.06 26.93 5.64
CA ALA C 70 -25.35 27.36 4.28
C ALA C 70 -26.44 28.42 4.26
N ARG C 71 -27.44 28.27 5.13
CA ARG C 71 -28.41 29.34 5.29
C ARG C 71 -27.74 30.61 5.77
N ASP C 72 -26.79 30.48 6.70
CA ASP C 72 -26.00 31.64 7.11
C ASP C 72 -25.10 32.13 5.98
N ASN C 73 -24.68 31.24 5.08
CA ASN C 73 -23.86 31.62 3.95
C ASN C 73 -24.69 31.89 2.70
N LYS C 74 -26.01 31.71 2.79
CA LYS C 74 -26.95 32.06 1.72
C LYS C 74 -26.60 31.36 0.41
N LYS C 75 -26.14 30.12 0.50
CA LYS C 75 -25.84 29.31 -0.67
C LYS C 75 -26.67 28.04 -0.62
N THR C 76 -27.40 27.77 -1.71
CA THR C 76 -28.34 26.66 -1.69
C THR C 76 -27.65 25.31 -1.68
N ARG C 77 -26.50 25.19 -2.32
CA ARG C 77 -25.74 23.95 -2.30
C ARG C 77 -24.78 23.96 -1.12
N ILE C 78 -24.34 22.76 -0.73
CA ILE C 78 -23.40 22.62 0.37
C ILE C 78 -21.99 22.60 -0.20
N ILE C 79 -21.14 23.50 0.30
CA ILE C 79 -19.77 23.61 -0.19
C ILE C 79 -18.86 22.93 0.83
N PRO C 80 -17.68 22.47 0.42
CA PRO C 80 -16.76 21.87 1.41
C PRO C 80 -16.36 22.84 2.50
N ARG C 81 -16.28 24.13 2.18
CA ARG C 81 -16.01 25.12 3.22
C ARG C 81 -17.15 25.17 4.22
N HIS C 82 -18.39 25.00 3.75
CA HIS C 82 -19.52 24.97 4.66
C HIS C 82 -19.43 23.80 5.62
N LEU C 83 -19.08 22.61 5.10
CA LEU C 83 -18.93 21.46 5.96
C LEU C 83 -17.80 21.66 6.95
N GLN C 84 -16.68 22.24 6.50
CA GLN C 84 -15.55 22.47 7.40
C GLN C 84 -15.93 23.47 8.50
N LEU C 85 -16.64 24.53 8.13
CA LEU C 85 -17.08 25.51 9.11
C LEU C 85 -18.04 24.88 10.11
N ALA C 86 -18.93 24.00 9.64
CA ALA C 86 -19.82 23.31 10.54
C ALA C 86 -19.05 22.42 11.50
N ILE C 87 -18.05 21.70 10.99
CA ILE C 87 -17.28 20.81 11.84
C ILE C 87 -16.48 21.61 12.87
N ARG C 88 -15.98 22.78 12.49
CA ARG C 88 -15.30 23.62 13.45
C ARG C 88 -16.27 24.28 14.43
N ASN C 89 -17.53 24.43 14.04
CA ASN C 89 -18.51 25.07 14.90
C ASN C 89 -18.87 24.20 16.09
N ASP C 90 -19.08 22.90 15.86
CA ASP C 90 -19.46 22.00 16.94
C ASP C 90 -18.22 21.52 17.69
N GLU C 91 -18.36 21.37 19.00
CA GLU C 91 -17.24 20.95 19.82
C GLU C 91 -17.09 19.44 19.87
N GLU C 92 -18.20 18.70 20.02
CA GLU C 92 -18.11 17.25 20.04
C GLU C 92 -17.66 16.70 18.69
N LEU C 93 -18.16 17.28 17.61
CA LEU C 93 -17.68 16.89 16.29
C LEU C 93 -16.21 17.25 16.11
N ASN C 94 -15.78 18.39 16.64
CA ASN C 94 -14.38 18.77 16.54
C ASN C 94 -13.49 17.80 17.30
N LYS C 95 -13.92 17.36 18.47
CA LYS C 95 -13.20 16.31 19.16
C LYS C 95 -13.20 15.02 18.35
N LEU C 96 -14.34 14.72 17.72
CA LEU C 96 -14.44 13.54 16.87
C LEU C 96 -13.53 13.66 15.65
N LEU C 97 -13.45 14.86 15.06
CA LEU C 97 -12.70 15.02 13.83
C LEU C 97 -11.56 16.00 14.02
N GLY C 98 -10.84 15.90 15.14
CA GLY C 98 -9.73 16.80 15.38
C GLY C 98 -8.51 16.48 14.55
N LYS C 99 -8.29 15.22 14.21
CA LYS C 99 -7.19 14.79 13.36
C LYS C 99 -7.65 14.47 11.96
N VAL C 100 -8.64 15.20 11.46
CA VAL C 100 -9.18 15.00 10.13
C VAL C 100 -9.10 16.33 9.40
N THR C 101 -8.60 16.29 8.16
CA THR C 101 -8.45 17.49 7.34
C THR C 101 -9.50 17.47 6.24
N ILE C 102 -10.15 18.62 6.04
CA ILE C 102 -11.16 18.76 5.00
C ILE C 102 -10.53 19.44 3.81
N ALA C 103 -10.56 18.78 2.66
CA ALA C 103 -9.96 19.33 1.45
C ALA C 103 -10.75 20.54 0.98
N GLN C 104 -10.05 21.64 0.73
CA GLN C 104 -10.67 22.90 0.33
C GLN C 104 -11.76 23.32 1.32
N GLY C 105 -11.46 23.14 2.61
CA GLY C 105 -12.41 23.50 3.64
C GLY C 105 -12.00 24.76 4.36
N GLY C 106 -10.72 25.10 4.26
CA GLY C 106 -10.24 26.30 4.90
C GLY C 106 -10.21 26.15 6.41
N VAL C 107 -10.16 27.29 7.08
CA VAL C 107 -10.13 27.33 8.54
C VAL C 107 -11.17 28.33 9.02
N LEU C 108 -11.65 28.10 10.23
CA LEU C 108 -12.62 29.01 10.83
C LEU C 108 -11.96 30.36 11.11
N PRO C 109 -12.69 31.47 10.99
CA PRO C 109 -12.10 32.77 11.28
C PRO C 109 -11.72 32.88 12.75
N ASN C 110 -10.43 33.09 12.99
CA ASN C 110 -9.90 33.20 14.35
C ASN C 110 -8.82 34.28 14.32
N ILE C 111 -9.14 35.43 14.89
CA ILE C 111 -8.25 36.60 14.86
C ILE C 111 -7.79 36.88 16.28
N GLN C 112 -6.51 37.16 16.45
CA GLN C 112 -5.93 37.33 17.77
C GLN C 112 -6.33 38.68 18.36
N ALA C 113 -6.65 38.66 19.65
CA ALA C 113 -7.04 39.90 20.33
C ALA C 113 -5.87 40.86 20.45
N VAL C 114 -4.66 40.33 20.66
CA VAL C 114 -3.48 41.18 20.64
C VAL C 114 -3.25 41.75 19.25
N LEU C 115 -3.58 40.97 18.21
CA LEU C 115 -3.45 41.44 16.83
C LEU C 115 -4.47 42.51 16.47
N LEU C 116 -5.52 42.69 17.26
CA LEU C 116 -6.50 43.72 16.96
C LEU C 116 -5.89 45.10 17.13
N PRO C 117 -6.22 46.04 16.24
CA PRO C 117 -5.68 47.40 16.37
C PRO C 117 -6.50 48.29 17.29
N LYS C 118 -5.86 48.87 18.30
CA LYS C 118 -6.52 49.80 19.20
C LYS C 118 -5.72 51.09 19.30
N LYS C 119 -6.42 52.19 19.55
CA LYS C 119 -5.78 53.50 19.67
C LYS C 119 -6.53 54.40 20.64
N SER D 32 -14.90 -1.26 -13.23
CA SER D 32 -15.65 -1.98 -12.20
C SER D 32 -16.68 -1.07 -11.54
N ARG D 33 -17.57 -1.68 -10.76
CA ARG D 33 -18.63 -0.95 -10.06
C ARG D 33 -18.08 -0.47 -8.73
N LYS D 34 -18.07 0.85 -8.53
CA LYS D 34 -17.58 1.45 -7.30
C LYS D 34 -18.73 1.68 -6.34
N GLU D 35 -18.54 1.33 -5.08
CA GLU D 35 -19.57 1.45 -4.05
C GLU D 35 -19.31 2.66 -3.17
N SER D 36 -20.38 3.40 -2.87
CA SER D 36 -20.31 4.54 -1.98
C SER D 36 -21.68 4.76 -1.37
N TYR D 37 -21.74 5.56 -0.31
CA TYR D 37 -22.98 5.82 0.39
C TYR D 37 -23.68 7.08 -0.14
N SER D 38 -23.51 7.37 -1.42
CA SER D 38 -24.02 8.63 -1.98
C SER D 38 -25.53 8.69 -1.93
N VAL D 39 -26.21 7.60 -2.31
CA VAL D 39 -27.67 7.61 -2.32
C VAL D 39 -28.21 7.70 -0.90
N TYR D 40 -27.61 6.97 0.03
CA TYR D 40 -28.04 7.04 1.42
C TYR D 40 -27.80 8.43 1.98
N VAL D 41 -26.66 9.03 1.63
CA VAL D 41 -26.37 10.39 2.08
C VAL D 41 -27.39 11.37 1.53
N TYR D 42 -27.75 11.24 0.25
CA TYR D 42 -28.73 12.14 -0.34
C TYR D 42 -30.09 11.99 0.33
N LYS D 43 -30.51 10.75 0.58
CA LYS D 43 -31.79 10.52 1.23
C LYS D 43 -31.80 11.10 2.64
N VAL D 44 -30.70 10.91 3.38
CA VAL D 44 -30.61 11.45 4.73
C VAL D 44 -30.65 12.97 4.69
N LEU D 45 -29.94 13.57 3.74
CA LEU D 45 -29.92 15.03 3.63
C LEU D 45 -31.30 15.57 3.32
N LYS D 46 -32.03 14.91 2.42
CA LYS D 46 -33.40 15.31 2.17
C LYS D 46 -34.26 15.14 3.42
N GLN D 47 -34.02 14.09 4.20
CA GLN D 47 -34.76 13.89 5.44
C GLN D 47 -34.41 14.95 6.47
N VAL D 48 -33.24 15.56 6.37
CA VAL D 48 -32.81 16.55 7.36
C VAL D 48 -33.22 17.93 6.90
N HIS D 49 -32.70 18.36 5.75
CA HIS D 49 -33.04 19.66 5.18
C HIS D 49 -33.71 19.42 3.84
N PRO D 50 -35.03 19.62 3.74
CA PRO D 50 -35.71 19.26 2.48
C PRO D 50 -35.27 20.07 1.28
N ASP D 51 -34.73 21.27 1.47
CA ASP D 51 -34.42 22.17 0.38
C ASP D 51 -32.96 22.57 0.35
N THR D 52 -32.05 21.64 0.58
CA THR D 52 -30.62 21.92 0.61
C THR D 52 -29.89 21.08 -0.41
N GLY D 53 -29.01 21.71 -1.18
CA GLY D 53 -28.17 21.02 -2.13
C GLY D 53 -26.80 20.69 -1.55
N ILE D 54 -26.00 20.00 -2.36
CA ILE D 54 -24.68 19.54 -1.92
C ILE D 54 -23.84 19.28 -3.15
N SER D 55 -22.54 19.50 -3.02
CA SER D 55 -21.62 19.26 -4.11
C SER D 55 -21.18 17.80 -4.15
N SER D 56 -20.70 17.38 -5.32
CA SER D 56 -20.15 16.03 -5.43
C SER D 56 -18.90 15.88 -4.58
N LYS D 57 -18.06 16.91 -4.54
CA LYS D 57 -16.90 16.88 -3.66
C LYS D 57 -17.34 16.79 -2.21
N ALA D 58 -18.37 17.54 -1.84
CA ALA D 58 -18.93 17.43 -0.50
C ALA D 58 -19.48 16.03 -0.26
N MET D 59 -20.09 15.43 -1.29
CA MET D 59 -20.57 14.06 -1.14
C MET D 59 -19.42 13.10 -0.87
N GLY D 60 -18.30 13.29 -1.57
CA GLY D 60 -17.15 12.46 -1.32
C GLY D 60 -16.56 12.66 0.06
N ILE D 61 -16.56 13.91 0.54
CA ILE D 61 -16.10 14.18 1.90
C ILE D 61 -16.98 13.45 2.91
N MET D 62 -18.30 13.51 2.71
CA MET D 62 -19.22 12.82 3.58
C MET D 62 -18.98 11.31 3.53
N ASN D 63 -18.72 10.79 2.34
CA ASN D 63 -18.42 9.36 2.19
C ASN D 63 -17.17 9.00 2.96
N SER D 64 -16.15 9.84 2.89
CA SER D 64 -14.92 9.57 3.64
C SER D 64 -15.20 9.57 5.14
N PHE D 65 -16.02 10.50 5.61
CA PHE D 65 -16.36 10.52 7.03
C PHE D 65 -17.09 9.25 7.44
N VAL D 66 -18.04 8.81 6.61
CA VAL D 66 -18.79 7.60 6.91
C VAL D 66 -17.86 6.40 6.95
N ASN D 67 -16.96 6.30 5.98
CA ASN D 67 -16.01 5.19 5.95
C ASN D 67 -15.09 5.23 7.16
N ASP D 68 -14.66 6.42 7.55
CA ASP D 68 -13.78 6.56 8.71
C ASP D 68 -14.48 6.07 9.96
N ILE D 69 -15.73 6.48 10.17
CA ILE D 69 -16.45 6.03 11.34
C ILE D 69 -16.69 4.53 11.29
N PHE D 70 -16.96 3.98 10.11
CA PHE D 70 -17.18 2.55 9.99
C PHE D 70 -15.93 1.77 10.37
N GLU D 71 -14.79 2.16 9.79
CA GLU D 71 -13.54 1.47 10.09
C GLU D 71 -13.16 1.61 11.55
N ARG D 72 -13.33 2.81 12.12
CA ARG D 72 -12.98 3.02 13.51
C ARG D 72 -13.81 2.15 14.43
N ILE D 73 -15.13 2.13 14.21
CA ILE D 73 -16.00 1.32 15.07
C ILE D 73 -15.67 -0.16 14.90
N ALA D 74 -15.42 -0.59 13.67
CA ALA D 74 -15.11 -2.00 13.44
C ALA D 74 -13.83 -2.40 14.14
N GLY D 75 -12.78 -1.58 14.03
CA GLY D 75 -11.53 -1.90 14.68
C GLY D 75 -11.67 -1.91 16.19
N GLU D 76 -12.43 -0.96 16.74
CA GLU D 76 -12.64 -0.93 18.17
C GLU D 76 -13.37 -2.18 18.65
N ALA D 77 -14.41 -2.59 17.92
CA ALA D 77 -15.17 -3.78 18.30
C ALA D 77 -14.29 -5.02 18.20
N SER D 78 -13.48 -5.11 17.15
CA SER D 78 -12.60 -6.27 17.01
C SER D 78 -11.58 -6.33 18.13
N ARG D 79 -11.01 -5.18 18.49
CA ARG D 79 -10.06 -5.13 19.60
C ARG D 79 -10.73 -5.54 20.89
N LEU D 80 -11.96 -5.09 21.12
CA LEU D 80 -12.68 -5.47 22.32
C LEU D 80 -12.94 -6.98 22.35
N ALA D 81 -13.35 -7.53 21.21
CA ALA D 81 -13.64 -8.96 21.14
C ALA D 81 -12.39 -9.79 21.40
N HIS D 82 -11.26 -9.36 20.86
CA HIS D 82 -10.01 -10.02 21.19
C HIS D 82 -9.69 -9.86 22.67
N TYR D 83 -9.96 -8.69 23.22
CA TYR D 83 -9.80 -8.48 24.66
C TYR D 83 -10.80 -9.32 25.44
N ASN D 84 -12.02 -9.46 24.92
CA ASN D 84 -13.01 -10.31 25.56
C ASN D 84 -12.89 -11.76 25.13
N LYS D 85 -11.99 -12.06 24.21
CA LYS D 85 -11.71 -13.43 23.76
C LYS D 85 -12.98 -14.12 23.26
N ARG D 86 -13.85 -13.36 22.61
CA ARG D 86 -15.08 -13.90 22.05
C ARG D 86 -14.94 -14.00 20.54
N SER D 87 -15.67 -14.96 19.96
CA SER D 87 -15.59 -15.26 18.54
C SER D 87 -16.74 -14.68 17.74
N THR D 88 -17.58 -13.88 18.37
CA THR D 88 -18.72 -13.26 17.70
C THR D 88 -18.70 -11.76 17.97
N ILE D 89 -19.24 -11.00 17.02
CA ILE D 89 -19.36 -9.56 17.15
C ILE D 89 -20.80 -9.26 17.50
N THR D 90 -21.04 -8.85 18.74
CA THR D 90 -22.38 -8.70 19.26
C THR D 90 -22.81 -7.24 19.24
N SER D 91 -24.12 -7.04 19.37
CA SER D 91 -24.64 -5.69 19.53
C SER D 91 -24.16 -5.05 20.81
N ARG D 92 -23.83 -5.85 21.83
CA ARG D 92 -23.23 -5.31 23.04
C ARG D 92 -21.85 -4.74 22.73
N GLU D 93 -21.10 -5.42 21.86
CA GLU D 93 -19.83 -4.86 21.42
C GLU D 93 -20.02 -3.59 20.62
N ILE D 94 -21.13 -3.47 19.89
CA ILE D 94 -21.37 -2.24 19.16
C ILE D 94 -21.72 -1.10 20.12
N GLN D 95 -22.52 -1.39 21.16
CA GLN D 95 -22.81 -0.36 22.16
C GLN D 95 -21.54 0.08 22.87
N THR D 96 -20.69 -0.87 23.24
CA THR D 96 -19.43 -0.52 23.89
C THR D 96 -18.54 0.29 22.96
N ALA D 97 -18.48 -0.08 21.68
CA ALA D 97 -17.64 0.66 20.74
C ALA D 97 -18.14 2.08 20.58
N VAL D 98 -19.45 2.26 20.49
CA VAL D 98 -20.01 3.60 20.38
C VAL D 98 -19.68 4.40 21.63
N ARG D 99 -19.81 3.77 22.80
CA ARG D 99 -19.50 4.45 24.05
C ARG D 99 -18.02 4.82 24.12
N LEU D 100 -17.16 4.06 23.46
CA LEU D 100 -15.74 4.35 23.51
C LEU D 100 -15.36 5.46 22.53
N LEU D 101 -15.67 5.27 21.25
CA LEU D 101 -15.18 6.20 20.23
C LEU D 101 -15.92 7.53 20.27
N LEU D 102 -17.25 7.48 20.36
CA LEU D 102 -18.03 8.70 20.21
C LEU D 102 -17.84 9.63 21.41
N PRO D 103 -17.69 10.93 21.20
CA PRO D 103 -17.48 11.84 22.33
C PRO D 103 -18.72 12.60 22.76
N GLY D 104 -18.81 12.81 24.07
CA GLY D 104 -19.77 13.75 24.65
C GLY D 104 -21.21 13.34 24.44
N GLU D 105 -22.07 14.34 24.26
CA GLU D 105 -23.50 14.10 24.14
C GLU D 105 -23.83 13.26 22.91
N LEU D 106 -23.02 13.39 21.85
CA LEU D 106 -23.20 12.54 20.68
C LEU D 106 -23.14 11.07 21.05
N ALA D 107 -22.32 10.73 22.06
CA ALA D 107 -22.30 9.36 22.54
C ALA D 107 -23.61 8.98 23.23
N LYS D 108 -24.18 9.88 24.02
CA LYS D 108 -25.35 9.51 24.81
C LYS D 108 -26.59 9.37 23.95
N HIS D 109 -26.77 10.26 22.96
CA HIS D 109 -27.97 10.19 22.14
C HIS D 109 -27.91 9.01 21.18
N ALA D 110 -26.74 8.75 20.60
CA ALA D 110 -26.63 7.77 19.53
C ALA D 110 -27.02 6.38 20.02
N VAL D 111 -26.54 6.00 21.21
CA VAL D 111 -26.93 4.71 21.78
C VAL D 111 -28.44 4.63 21.94
N SER D 112 -29.05 5.74 22.34
CA SER D 112 -30.51 5.79 22.40
C SER D 112 -31.11 5.54 21.03
N GLU D 113 -30.52 6.13 20.00
CA GLU D 113 -30.98 5.84 18.64
C GLU D 113 -30.63 4.42 18.23
N GLY D 114 -29.58 3.84 18.82
CA GLY D 114 -29.21 2.48 18.44
C GLY D 114 -30.16 1.44 18.98
N THR D 115 -30.31 1.41 20.32
CA THR D 115 -31.07 0.34 20.95
C THR D 115 -32.53 0.38 20.53
N LYS D 116 -33.09 1.58 20.38
CA LYS D 116 -34.44 1.68 19.84
C LYS D 116 -34.51 1.13 18.43
N ALA D 117 -33.54 1.47 17.60
CA ALA D 117 -33.45 0.85 16.28
C ALA D 117 -33.25 -0.64 16.40
N VAL D 118 -32.38 -1.05 17.33
CA VAL D 118 -32.24 -2.48 17.62
C VAL D 118 -33.57 -3.06 18.05
N THR D 119 -34.35 -2.28 18.82
CA THR D 119 -35.69 -2.72 19.20
C THR D 119 -36.53 -3.03 17.98
N LYS D 120 -36.46 -2.17 16.95
CA LYS D 120 -37.17 -2.44 15.71
C LYS D 120 -36.69 -3.73 15.07
N TYR D 121 -35.38 -4.00 15.13
CA TYR D 121 -34.89 -5.27 14.60
C TYR D 121 -35.41 -6.43 15.41
N THR D 122 -35.70 -6.21 16.68
CA THR D 122 -36.33 -7.21 17.53
C THR D 122 -37.84 -7.10 17.54
N SER D 123 -38.40 -6.15 16.80
CA SER D 123 -39.84 -6.01 16.68
C SER D 123 -40.33 -6.41 15.29
N SER D 124 -39.51 -7.15 14.54
CA SER D 124 -39.81 -7.56 13.17
C SER D 124 -40.14 -6.36 12.29
N PRO E 38 0.42 58.80 -2.11
CA PRO E 38 0.40 59.58 -0.87
C PRO E 38 -0.42 58.90 0.22
N HIS E 39 -1.61 58.43 -0.13
CA HIS E 39 -2.50 57.77 0.83
C HIS E 39 -1.98 56.36 1.06
N ARG E 40 -1.03 56.24 1.97
CA ARG E 40 -0.45 54.95 2.34
C ARG E 40 -1.16 54.45 3.58
N TYR E 41 -1.58 53.18 3.55
CA TYR E 41 -2.25 52.60 4.71
C TYR E 41 -1.27 52.47 5.87
N ARG E 42 -1.82 52.19 7.05
CA ARG E 42 -0.99 52.09 8.24
C ARG E 42 -0.04 50.90 8.10
N PRO E 43 1.12 50.97 8.75
CA PRO E 43 2.12 49.90 8.59
C PRO E 43 1.66 48.54 9.05
N GLY E 44 0.62 48.48 9.87
CA GLY E 44 0.04 47.21 10.26
C GLY E 44 -1.43 47.11 9.88
N THR E 45 -1.78 47.63 8.73
CA THR E 45 -3.19 47.65 8.35
C THR E 45 -3.47 46.86 7.09
N VAL E 46 -2.59 46.92 6.09
CA VAL E 46 -2.68 45.97 5.00
C VAL E 46 -2.34 44.58 5.50
N ALA E 47 -1.54 44.49 6.56
CA ALA E 47 -1.29 43.20 7.21
C ALA E 47 -2.57 42.66 7.82
N LEU E 48 -3.29 43.50 8.59
CA LEU E 48 -4.57 43.06 9.11
C LEU E 48 -5.56 42.80 7.99
N ARG E 49 -5.48 43.57 6.92
CA ARG E 49 -6.22 43.24 5.71
C ARG E 49 -5.69 41.93 5.14
N GLU E 50 -6.53 41.28 4.35
CA GLU E 50 -6.27 40.03 3.64
C GLU E 50 -6.12 38.84 4.57
N ILE E 51 -5.83 39.05 5.85
CA ILE E 51 -5.87 37.94 6.81
C ILE E 51 -7.28 37.40 6.89
N ARG E 52 -8.25 38.30 6.99
CA ARG E 52 -9.65 37.89 6.83
C ARG E 52 -9.90 37.36 5.43
N ARG E 53 -9.26 37.95 4.42
CA ARG E 53 -9.47 37.46 3.07
C ARG E 53 -8.77 36.13 2.83
N TYR E 54 -7.66 35.88 3.50
CA TYR E 54 -7.04 34.56 3.40
C TYR E 54 -7.69 33.55 4.32
N GLN E 55 -8.53 33.99 5.25
CA GLN E 55 -9.25 33.05 6.09
C GLN E 55 -10.61 32.70 5.50
N LYS E 56 -11.24 33.65 4.83
CA LYS E 56 -12.54 33.43 4.20
C LYS E 56 -12.42 32.56 2.97
N SER E 57 -11.31 32.66 2.25
CA SER E 57 -11.11 31.87 1.05
C SER E 57 -10.65 30.47 1.41
N THR E 58 -10.69 29.59 0.42
CA THR E 58 -10.27 28.21 0.61
C THR E 58 -9.41 27.73 -0.54
N GLU E 59 -8.64 28.63 -1.14
CA GLU E 59 -7.83 28.29 -2.29
C GLU E 59 -6.57 27.56 -1.83
N LEU E 60 -5.73 27.17 -2.79
CA LEU E 60 -4.51 26.42 -2.47
C LEU E 60 -3.45 27.33 -1.88
N LEU E 61 -3.26 28.50 -2.49
CA LEU E 61 -2.24 29.51 -2.18
C LEU E 61 -0.84 29.04 -2.56
N ILE E 62 -0.69 27.80 -3.03
CA ILE E 62 0.60 27.28 -3.47
C ILE E 62 0.56 27.10 -4.98
N ARG E 63 1.57 27.62 -5.68
CA ARG E 63 1.66 27.44 -7.11
C ARG E 63 1.79 25.98 -7.46
N LYS E 64 0.93 25.51 -8.37
CA LYS E 64 0.86 24.09 -8.66
C LYS E 64 2.09 23.58 -9.40
N LEU E 65 2.64 24.37 -10.32
CA LEU E 65 3.84 23.92 -11.03
C LEU E 65 5.01 23.78 -10.08
N PRO E 66 5.32 24.75 -9.22
CA PRO E 66 6.40 24.54 -8.25
C PRO E 66 6.14 23.39 -7.31
N PHE E 67 4.88 23.19 -6.90
CA PHE E 67 4.57 22.07 -6.02
C PHE E 67 4.85 20.75 -6.71
N GLN E 68 4.44 20.62 -7.97
CA GLN E 68 4.70 19.40 -8.72
C GLN E 68 6.19 19.19 -8.95
N ARG E 69 6.92 20.28 -9.22
CA ARG E 69 8.36 20.15 -9.40
C ARG E 69 9.03 19.67 -8.13
N LEU E 70 8.65 20.24 -6.98
CA LEU E 70 9.23 19.81 -5.71
C LEU E 70 8.85 18.37 -5.41
N VAL E 71 7.62 17.98 -5.71
CA VAL E 71 7.19 16.62 -5.48
C VAL E 71 8.00 15.65 -6.33
N ARG E 72 8.19 15.97 -7.60
CA ARG E 72 9.00 15.13 -8.46
C ARG E 72 10.44 15.05 -7.98
N GLU E 73 10.98 16.18 -7.54
CA GLU E 73 12.35 16.21 -7.03
C GLU E 73 12.51 15.32 -5.81
N ILE E 74 11.54 15.39 -4.90
CA ILE E 74 11.62 14.59 -3.69
C ILE E 74 11.43 13.12 -4.00
N ALA E 75 10.57 12.80 -4.97
CA ALA E 75 10.34 11.40 -5.30
C ALA E 75 11.47 10.79 -6.10
N GLN E 76 12.22 11.58 -6.85
CA GLN E 76 13.34 11.04 -7.61
C GLN E 76 14.42 10.48 -6.70
N ASP E 77 14.67 11.16 -5.57
CA ASP E 77 15.63 10.65 -4.61
C ASP E 77 15.14 9.37 -3.95
N PHE E 78 13.84 9.14 -3.92
CA PHE E 78 13.32 7.87 -3.45
C PHE E 78 13.33 6.82 -4.54
N LYS E 79 12.92 7.20 -5.75
CA LYS E 79 12.92 6.28 -6.89
C LYS E 79 12.88 7.08 -8.17
N THR E 80 13.77 6.75 -9.10
CA THR E 80 13.74 7.33 -10.42
C THR E 80 12.65 6.67 -11.26
N ASP E 81 12.07 7.46 -12.17
CA ASP E 81 11.04 7.01 -13.11
C ASP E 81 9.84 6.42 -12.37
N LEU E 82 9.29 7.22 -11.46
CA LEU E 82 8.04 6.92 -10.79
C LEU E 82 7.02 7.97 -11.16
N ARG E 83 5.79 7.55 -11.45
CA ARG E 83 4.75 8.48 -11.81
C ARG E 83 3.96 8.90 -10.59
N PHE E 84 3.50 10.15 -10.59
CA PHE E 84 2.59 10.65 -9.58
C PHE E 84 1.35 11.21 -10.27
N GLN E 85 0.18 10.75 -9.85
CA GLN E 85 -1.06 11.21 -10.45
C GLN E 85 -1.29 12.68 -10.12
N SER E 86 -1.98 13.38 -11.03
CA SER E 86 -2.31 14.78 -10.79
C SER E 86 -3.16 14.94 -9.54
N SER E 87 -4.11 14.04 -9.34
CA SER E 87 -4.89 14.03 -8.11
C SER E 87 -3.99 13.83 -6.91
N ALA E 88 -3.00 12.94 -7.04
CA ALA E 88 -2.06 12.72 -5.95
C ALA E 88 -1.28 13.98 -5.64
N VAL E 89 -0.84 14.69 -6.68
CA VAL E 89 -0.08 15.91 -6.46
C VAL E 89 -0.94 16.97 -5.79
N MET E 90 -2.19 17.10 -6.23
CA MET E 90 -3.08 18.10 -5.61
C MET E 90 -3.33 17.76 -4.16
N ALA E 91 -3.55 16.47 -3.85
CA ALA E 91 -3.79 16.06 -2.48
C ALA E 91 -2.56 16.30 -1.62
N LEU E 92 -1.38 15.99 -2.13
CA LEU E 92 -0.16 16.20 -1.37
C LEU E 92 0.06 17.68 -1.09
N GLN E 93 -0.19 18.52 -2.10
CA GLN E 93 -0.10 19.96 -1.90
C GLN E 93 -1.07 20.42 -0.82
N GLU E 94 -2.31 19.90 -0.86
CA GLU E 94 -3.29 20.28 0.15
C GLU E 94 -2.85 19.84 1.55
N ALA E 95 -2.29 18.64 1.65
CA ALA E 95 -1.84 18.14 2.95
C ALA E 95 -0.70 18.98 3.50
N SER E 96 0.25 19.34 2.63
CA SER E 96 1.35 20.20 3.06
C SER E 96 0.82 21.56 3.49
N GLU E 97 -0.17 22.08 2.77
CA GLU E 97 -0.79 23.34 3.17
C GLU E 97 -1.42 23.22 4.55
N ALA E 98 -2.08 22.10 4.81
CA ALA E 98 -2.69 21.91 6.12
C ALA E 98 -1.64 21.85 7.23
N TYR E 99 -0.56 21.11 6.99
CA TYR E 99 0.48 20.99 8.00
C TYR E 99 1.13 22.34 8.26
N LEU E 100 1.41 23.10 7.20
CA LEU E 100 1.98 24.42 7.37
C LEU E 100 1.02 25.38 8.05
N VAL E 101 -0.27 25.28 7.75
CA VAL E 101 -1.24 26.14 8.40
C VAL E 101 -1.30 25.87 9.89
N GLY E 102 -1.32 24.58 10.25
CA GLY E 102 -1.32 24.24 11.67
C GLY E 102 -0.06 24.70 12.37
N LEU E 103 1.09 24.52 11.73
CA LEU E 103 2.34 24.97 12.32
C LEU E 103 2.36 26.48 12.48
N PHE E 104 1.85 27.21 11.48
CA PHE E 104 1.86 28.66 11.55
C PHE E 104 0.91 29.17 12.63
N GLU E 105 -0.25 28.53 12.77
CA GLU E 105 -1.17 28.91 13.84
C GLU E 105 -0.54 28.65 15.20
N ASP E 106 0.15 27.52 15.33
CA ASP E 106 0.84 27.21 16.58
C ASP E 106 1.91 28.27 16.87
N THR E 107 2.65 28.67 15.83
CA THR E 107 3.69 29.67 16.02
C THR E 107 3.11 31.03 16.40
N ASN E 108 1.96 31.38 15.83
CA ASN E 108 1.30 32.63 16.20
C ASN E 108 0.90 32.60 17.66
N LEU E 109 0.33 31.48 18.11
CA LEU E 109 -0.01 31.36 19.52
C LEU E 109 1.24 31.41 20.38
N ALA E 110 2.35 30.85 19.90
CA ALA E 110 3.59 30.90 20.67
C ALA E 110 4.10 32.32 20.80
N ALA E 111 4.02 33.10 19.73
CA ALA E 111 4.46 34.48 19.79
C ALA E 111 3.57 35.29 20.73
N ILE E 112 2.27 34.98 20.74
CA ILE E 112 1.40 35.59 21.72
C ILE E 112 1.77 35.16 23.13
N HIS E 113 2.28 33.93 23.29
CA HIS E 113 2.71 33.48 24.61
C HIS E 113 3.91 34.28 25.09
N ALA E 114 4.81 34.65 24.19
CA ALA E 114 5.96 35.47 24.57
C ALA E 114 5.70 36.96 24.38
N LYS E 115 4.42 37.36 24.35
CA LYS E 115 4.04 38.77 24.25
C LYS E 115 4.70 39.47 23.07
N ARG E 116 4.89 38.74 21.98
CA ARG E 116 5.53 39.28 20.79
C ARG E 116 4.55 39.26 19.64
N VAL E 117 4.92 39.95 18.56
CA VAL E 117 4.07 40.10 17.38
C VAL E 117 4.68 39.44 16.17
N THR E 118 5.96 39.70 15.90
CA THR E 118 6.64 39.05 14.80
C THR E 118 6.88 37.58 15.11
N ILE E 119 6.67 36.73 14.11
CA ILE E 119 6.87 35.30 14.26
C ILE E 119 8.32 34.97 13.99
N MET E 120 8.96 34.26 14.92
CA MET E 120 10.40 34.02 14.84
C MET E 120 10.70 32.55 14.57
N PRO E 121 11.83 32.27 13.91
CA PRO E 121 12.20 30.87 13.68
C PRO E 121 12.41 30.10 14.97
N LYS E 122 12.89 30.77 16.01
CA LYS E 122 12.97 30.14 17.32
C LYS E 122 11.60 29.75 17.83
N ASP E 123 10.59 30.59 17.58
CA ASP E 123 9.23 30.23 17.95
C ASP E 123 8.77 28.99 17.18
N ILE E 124 9.13 28.90 15.91
CA ILE E 124 8.78 27.72 15.12
C ILE E 124 9.46 26.49 15.69
N GLN E 125 10.72 26.63 16.10
CA GLN E 125 11.43 25.51 16.71
C GLN E 125 10.77 25.07 17.99
N LEU E 126 10.35 26.03 18.82
CA LEU E 126 9.66 25.69 20.05
C LEU E 126 8.34 24.99 19.77
N ALA E 127 7.62 25.45 18.75
CA ALA E 127 6.36 24.81 18.38
C ALA E 127 6.60 23.38 17.91
N ARG E 128 7.63 23.17 17.09
CA ARG E 128 7.92 21.82 16.62
C ARG E 128 8.31 20.91 17.77
N ARG E 129 9.09 21.44 18.73
CA ARG E 129 9.46 20.65 19.90
C ARG E 129 8.23 20.30 20.73
N ILE E 130 7.33 21.26 20.91
CA ILE E 130 6.13 21.01 21.70
C ILE E 130 5.19 20.03 21.01
N ARG E 131 5.13 20.07 19.68
CA ARG E 131 4.36 19.06 18.96
C ARG E 131 5.01 17.69 19.09
N GLY E 132 6.33 17.63 19.21
CA GLY E 132 7.06 16.39 19.32
C GLY E 132 7.77 15.97 18.06
N GLU E 133 7.57 16.68 16.95
CA GLU E 133 8.22 16.32 15.69
C GLU E 133 9.74 16.46 15.77
N ARG F 19 12.86 14.71 -19.75
CA ARG F 19 13.77 13.58 -19.84
C ARG F 19 15.06 13.88 -19.08
N LYS F 20 15.25 15.13 -18.72
CA LYS F 20 16.43 15.58 -17.97
C LYS F 20 16.00 15.85 -16.53
N VAL F 21 16.66 15.19 -15.57
CA VAL F 21 16.33 15.38 -14.17
C VAL F 21 16.76 16.77 -13.72
N LEU F 22 16.03 17.31 -12.76
CA LEU F 22 16.30 18.64 -12.24
C LEU F 22 16.48 18.59 -10.73
N ARG F 23 17.07 19.66 -10.21
CA ARG F 23 17.35 19.80 -8.79
C ARG F 23 17.13 21.24 -8.37
N ASP F 24 17.24 21.48 -7.07
CA ASP F 24 17.13 22.81 -6.45
C ASP F 24 15.77 23.45 -6.77
N ASN F 25 14.73 22.77 -6.30
CA ASN F 25 13.37 23.25 -6.40
C ASN F 25 12.82 23.72 -5.06
N ILE F 26 13.61 23.60 -3.98
CA ILE F 26 13.15 24.05 -2.68
C ILE F 26 12.96 25.56 -2.67
N GLN F 27 13.70 26.27 -3.50
CA GLN F 27 13.46 27.70 -3.69
C GLN F 27 12.16 27.97 -4.42
N GLY F 28 11.52 26.94 -4.98
CA GLY F 28 10.26 27.15 -5.66
C GLY F 28 9.16 27.66 -4.76
N ILE F 29 9.25 27.39 -3.46
CA ILE F 29 8.30 27.94 -2.50
C ILE F 29 8.69 29.38 -2.24
N THR F 30 8.05 30.32 -2.94
CA THR F 30 8.46 31.70 -2.91
C THR F 30 8.09 32.36 -1.59
N LYS F 31 8.80 33.44 -1.27
CA LYS F 31 8.47 34.23 -0.09
C LYS F 31 7.05 34.74 -0.13
N PRO F 32 6.52 35.21 -1.27
CA PRO F 32 5.10 35.55 -1.32
C PRO F 32 4.19 34.39 -0.97
N ALA F 33 4.55 33.18 -1.40
CA ALA F 33 3.74 32.01 -1.07
C ALA F 33 3.77 31.74 0.43
N ILE F 34 4.94 31.83 1.04
CA ILE F 34 5.05 31.61 2.48
C ILE F 34 4.26 32.67 3.23
N ARG F 35 4.33 33.91 2.76
CA ARG F 35 3.59 34.99 3.41
C ARG F 35 2.09 34.76 3.31
N ARG F 36 1.62 34.32 2.14
CA ARG F 36 0.20 34.04 1.97
C ARG F 36 -0.24 32.90 2.89
N LEU F 37 0.56 31.84 2.96
CA LEU F 37 0.20 30.72 3.81
C LEU F 37 0.17 31.13 5.27
N ALA F 38 1.12 31.96 5.70
CA ALA F 38 1.13 32.40 7.08
C ALA F 38 -0.04 33.31 7.39
N ARG F 39 -0.38 34.20 6.45
CA ARG F 39 -1.53 35.07 6.66
C ARG F 39 -2.82 34.26 6.75
N ARG F 40 -2.90 33.18 5.97
CA ARG F 40 -4.01 32.25 6.14
C ARG F 40 -3.96 31.63 7.53
N GLY F 41 -2.76 31.30 8.01
CA GLY F 41 -2.63 30.89 9.39
C GLY F 41 -2.89 32.02 10.36
N GLY F 42 -2.67 33.26 9.92
CA GLY F 42 -2.99 34.40 10.75
C GLY F 42 -1.85 34.96 11.56
N VAL F 43 -0.71 35.20 10.92
CA VAL F 43 0.41 35.87 11.56
C VAL F 43 0.43 37.33 11.14
N LYS F 44 0.54 38.22 12.13
CA LYS F 44 0.54 39.64 11.83
C LYS F 44 1.86 40.09 11.21
N ARG F 45 2.98 39.60 11.73
CA ARG F 45 4.29 40.00 11.24
C ARG F 45 5.21 38.81 11.22
N ILE F 46 5.98 38.68 10.15
CA ILE F 46 6.89 37.56 9.94
C ILE F 46 8.26 38.08 9.57
N SER F 47 9.30 37.53 10.20
CA SER F 47 10.66 37.85 9.82
C SER F 47 11.06 37.07 8.57
N GLY F 48 12.13 37.54 7.92
CA GLY F 48 12.59 36.90 6.70
C GLY F 48 13.22 35.54 6.91
N LEU F 49 13.72 35.27 8.11
CA LEU F 49 14.34 33.97 8.38
C LEU F 49 13.32 32.85 8.43
N ILE F 50 12.04 33.18 8.58
CA ILE F 50 10.99 32.17 8.66
C ILE F 50 10.92 31.36 7.37
N TYR F 51 11.28 31.98 6.24
CA TYR F 51 11.11 31.30 4.95
C TYR F 51 12.01 30.07 4.86
N GLU F 52 13.25 30.17 5.30
CA GLU F 52 14.16 29.04 5.18
C GLU F 52 13.74 27.88 6.07
N GLU F 53 13.41 28.19 7.33
CA GLU F 53 13.00 27.14 8.25
C GLU F 53 11.66 26.55 7.84
N THR F 54 10.77 27.36 7.28
CA THR F 54 9.51 26.86 6.77
C THR F 54 9.74 25.90 5.61
N ARG F 55 10.66 26.26 4.71
CA ARG F 55 11.03 25.35 3.64
C ARG F 55 11.59 24.05 4.20
N GLY F 56 12.39 24.14 5.25
CA GLY F 56 12.94 22.94 5.85
C GLY F 56 11.87 22.04 6.44
N VAL F 57 10.93 22.63 7.19
CA VAL F 57 9.89 21.84 7.81
C VAL F 57 8.99 21.23 6.76
N LEU F 58 8.66 21.99 5.71
CA LEU F 58 7.85 21.46 4.63
C LEU F 58 8.56 20.31 3.94
N LYS F 59 9.86 20.46 3.69
CA LYS F 59 10.62 19.38 3.06
C LYS F 59 10.63 18.14 3.94
N VAL F 60 10.80 18.33 5.25
CA VAL F 60 10.83 17.18 6.16
C VAL F 60 9.50 16.45 6.14
N PHE F 61 8.40 17.19 6.25
CA PHE F 61 7.08 16.55 6.28
C PHE F 61 6.79 15.87 4.96
N LEU F 62 7.08 16.54 3.84
CA LEU F 62 6.82 15.96 2.54
C LEU F 62 7.67 14.72 2.32
N GLU F 63 8.93 14.74 2.77
CA GLU F 63 9.78 13.57 2.61
C GLU F 63 9.26 12.41 3.44
N ASN F 64 8.83 12.68 4.68
CA ASN F 64 8.29 11.63 5.52
C ASN F 64 7.05 11.01 4.88
N VAL F 65 6.20 11.84 4.30
CA VAL F 65 5.02 11.29 3.64
C VAL F 65 5.40 10.55 2.36
N ILE F 66 6.36 11.07 1.60
CA ILE F 66 6.64 10.54 0.27
C ILE F 66 7.38 9.22 0.36
N ARG F 67 8.20 9.05 1.40
CA ARG F 67 8.87 7.76 1.58
C ARG F 67 7.84 6.66 1.77
N ASP F 68 6.88 6.87 2.66
CA ASP F 68 5.84 5.87 2.88
C ASP F 68 4.94 5.73 1.66
N ALA F 69 4.73 6.81 0.92
CA ALA F 69 3.93 6.72 -0.30
C ALA F 69 4.60 5.84 -1.34
N VAL F 70 5.90 6.04 -1.54
CA VAL F 70 6.61 5.23 -2.53
C VAL F 70 6.66 3.79 -2.07
N THR F 71 6.80 3.57 -0.77
CA THR F 71 6.78 2.20 -0.26
C THR F 71 5.43 1.54 -0.52
N TYR F 72 4.34 2.27 -0.26
CA TYR F 72 3.01 1.71 -0.51
C TYR F 72 2.80 1.44 -1.98
N THR F 73 3.31 2.32 -2.85
CA THR F 73 3.20 2.10 -4.28
C THR F 73 3.94 0.85 -4.70
N GLU F 74 5.19 0.71 -4.26
CA GLU F 74 5.99 -0.43 -4.68
C GLU F 74 5.51 -1.74 -4.08
N HIS F 75 4.92 -1.71 -2.88
CA HIS F 75 4.33 -2.91 -2.32
C HIS F 75 3.15 -3.37 -3.15
N ALA F 76 2.47 -2.45 -3.83
CA ALA F 76 1.45 -2.78 -4.78
C ALA F 76 2.01 -3.08 -6.16
N LYS F 77 3.33 -2.98 -6.31
CA LYS F 77 4.02 -3.26 -7.57
C LYS F 77 3.46 -2.42 -8.71
N ARG F 78 3.15 -1.17 -8.42
CA ARG F 78 2.72 -0.22 -9.43
C ARG F 78 3.82 0.80 -9.67
N LYS F 79 3.74 1.48 -10.81
CA LYS F 79 4.74 2.47 -11.19
C LYS F 79 4.25 3.90 -11.05
N THR F 80 2.98 4.09 -10.71
CA THR F 80 2.40 5.42 -10.56
C THR F 80 2.03 5.64 -9.09
N VAL F 81 2.33 6.83 -8.58
CA VAL F 81 1.97 7.16 -7.20
C VAL F 81 0.46 7.38 -7.17
N THR F 82 -0.25 6.42 -6.58
CA THR F 82 -1.69 6.48 -6.56
C THR F 82 -2.19 7.35 -5.41
N ALA F 83 -3.37 7.91 -5.59
CA ALA F 83 -3.95 8.77 -4.58
C ALA F 83 -4.39 7.98 -3.36
N MET F 84 -4.93 6.79 -3.56
CA MET F 84 -5.29 5.95 -2.43
C MET F 84 -4.07 5.61 -1.60
N ASP F 85 -2.93 5.42 -2.27
CA ASP F 85 -1.68 5.25 -1.55
C ASP F 85 -1.35 6.47 -0.71
N VAL F 86 -1.59 7.67 -1.25
CA VAL F 86 -1.34 8.88 -0.49
C VAL F 86 -2.25 8.95 0.73
N VAL F 87 -3.51 8.54 0.57
CA VAL F 87 -4.43 8.53 1.70
C VAL F 87 -3.95 7.55 2.77
N TYR F 88 -3.50 6.37 2.34
CA TYR F 88 -3.00 5.38 3.28
C TYR F 88 -1.77 5.91 4.01
N ALA F 89 -0.89 6.62 3.31
CA ALA F 89 0.27 7.20 3.94
C ALA F 89 -0.12 8.29 4.94
N LEU F 90 -1.08 9.13 4.57
CA LEU F 90 -1.52 10.19 5.47
C LEU F 90 -2.13 9.61 6.74
N LYS F 91 -2.86 8.50 6.61
CA LYS F 91 -3.32 7.79 7.80
C LYS F 91 -2.16 7.21 8.59
N ARG F 92 -1.14 6.70 7.88
CA ARG F 92 0.03 6.16 8.56
C ARG F 92 0.74 7.24 9.36
N GLN F 93 0.84 8.43 8.81
CA GLN F 93 1.41 9.56 9.54
C GLN F 93 0.38 10.25 10.43
N GLY F 94 -0.84 9.72 10.49
CA GLY F 94 -1.85 10.31 11.34
C GLY F 94 -2.31 11.68 10.89
N ARG F 95 -2.54 11.87 9.60
CA ARG F 95 -3.10 13.10 9.08
C ARG F 95 -4.54 12.93 8.64
N THR F 96 -4.82 11.90 7.83
CA THR F 96 -6.17 11.48 7.46
C THR F 96 -6.99 12.62 6.86
N LEU F 97 -6.48 13.13 5.74
CA LEU F 97 -7.28 14.04 4.93
C LEU F 97 -8.44 13.28 4.30
N TYR F 98 -9.61 13.91 4.30
CA TYR F 98 -10.82 13.28 3.79
C TYR F 98 -11.11 13.78 2.38
N GLY F 99 -12.12 13.18 1.76
CA GLY F 99 -12.54 13.59 0.43
C GLY F 99 -11.77 13.00 -0.74
N PHE F 100 -10.45 13.17 -0.74
CA PHE F 100 -9.65 12.56 -1.79
C PHE F 100 -9.63 11.06 -1.60
N GLY F 101 -9.98 10.33 -2.65
CA GLY F 101 -10.04 8.88 -2.58
C GLY F 101 -11.19 8.38 -1.74
N THR G 16 14.12 -28.55 14.48
CA THR G 16 12.86 -27.85 14.62
C THR G 16 12.77 -26.66 13.67
N ARG G 17 11.59 -26.05 13.62
CA ARG G 17 11.40 -24.89 12.75
C ARG G 17 12.27 -23.73 13.17
N SER G 18 12.35 -23.47 14.48
CA SER G 18 13.30 -22.45 14.95
C SER G 18 14.73 -22.89 14.70
N SER G 19 14.99 -24.19 14.78
CA SER G 19 16.28 -24.72 14.38
C SER G 19 16.49 -24.61 12.88
N ARG G 20 15.43 -24.84 12.10
CA ARG G 20 15.55 -24.77 10.65
C ARG G 20 15.84 -23.35 10.19
N ALA G 21 15.27 -22.35 10.86
CA ALA G 21 15.57 -20.97 10.58
C ALA G 21 16.81 -20.47 11.31
N GLY G 22 17.24 -21.17 12.37
CA GLY G 22 18.38 -20.72 13.12
C GLY G 22 18.12 -19.57 14.05
N LEU G 23 16.86 -19.18 14.24
CA LEU G 23 16.51 -18.06 15.10
C LEU G 23 16.31 -18.54 16.53
N GLN G 24 15.85 -17.64 17.39
CA GLN G 24 15.66 -17.94 18.81
C GLN G 24 14.21 -17.90 19.25
N PHE G 25 13.43 -16.92 18.80
CA PHE G 25 12.03 -16.85 19.18
C PHE G 25 11.28 -18.04 18.59
N PRO G 26 10.25 -18.54 19.28
CA PRO G 26 9.54 -19.74 18.77
C PRO G 26 8.75 -19.39 17.53
N VAL G 27 9.22 -19.87 16.37
CA VAL G 27 8.61 -19.52 15.11
C VAL G 27 7.21 -20.12 14.98
N GLY G 28 7.03 -21.34 15.48
CA GLY G 28 5.70 -21.94 15.46
C GLY G 28 4.71 -21.19 16.31
N ARG G 29 5.19 -20.67 17.44
CA ARG G 29 4.33 -19.83 18.28
C ARG G 29 3.88 -18.59 17.51
N VAL G 30 4.80 -17.98 16.76
CA VAL G 30 4.43 -16.83 15.95
C VAL G 30 3.45 -17.21 14.86
N HIS G 31 3.64 -18.37 14.26
CA HIS G 31 2.72 -18.84 13.23
C HIS G 31 1.31 -19.00 13.81
N ARG G 32 1.22 -19.64 14.96
CA ARG G 32 -0.09 -19.82 15.60
C ARG G 32 -0.68 -18.49 16.03
N LEU G 33 0.16 -17.55 16.47
CA LEU G 33 -0.34 -16.24 16.86
C LEU G 33 -0.89 -15.49 15.66
N LEU G 34 -0.21 -15.58 14.52
CA LEU G 34 -0.74 -14.97 13.31
C LEU G 34 -2.02 -15.66 12.87
N ARG G 35 -2.08 -16.98 12.99
CA ARG G 35 -3.27 -17.72 12.59
C ARG G 35 -4.47 -17.32 13.44
N LYS G 36 -4.28 -17.25 14.75
CA LYS G 36 -5.37 -16.92 15.67
C LYS G 36 -5.57 -15.43 15.81
N GLY G 37 -4.72 -14.62 15.18
CA GLY G 37 -4.92 -13.19 15.21
C GLY G 37 -6.00 -12.68 14.29
N ASN G 38 -6.50 -13.54 13.41
CA ASN G 38 -7.53 -13.20 12.43
C ASN G 38 -7.12 -11.98 11.62
N TYR G 39 -5.93 -12.06 11.05
CA TYR G 39 -5.37 -10.95 10.29
C TYR G 39 -5.53 -11.12 8.79
N ALA G 40 -5.55 -12.34 8.29
CA ALA G 40 -5.71 -12.60 6.87
C ALA G 40 -6.30 -13.99 6.66
N GLU G 41 -6.87 -14.21 5.47
CA GLU G 41 -7.42 -15.50 5.13
C GLU G 41 -6.34 -16.57 5.05
N ARG G 42 -5.19 -16.22 4.49
CA ARG G 42 -4.06 -17.13 4.36
C ARG G 42 -2.81 -16.45 4.88
N VAL G 43 -1.94 -17.23 5.49
CA VAL G 43 -0.73 -16.71 6.12
C VAL G 43 0.46 -17.44 5.53
N GLY G 44 1.43 -16.68 5.04
CA GLY G 44 2.63 -17.28 4.47
C GLY G 44 3.44 -18.02 5.51
N ALA G 45 4.05 -19.12 5.06
CA ALA G 45 4.88 -19.91 5.96
C ALA G 45 6.19 -19.21 6.28
N GLY G 46 6.80 -18.58 5.28
CA GLY G 46 7.98 -17.77 5.55
C GLY G 46 7.69 -16.43 6.17
N ALA G 47 6.43 -16.02 6.13
CA ALA G 47 6.02 -14.80 6.83
C ALA G 47 6.29 -14.92 8.32
N PRO G 48 5.93 -16.02 8.98
CA PRO G 48 6.32 -16.15 10.40
C PRO G 48 7.82 -16.11 10.60
N VAL G 49 8.59 -16.67 9.67
CA VAL G 49 10.05 -16.61 9.78
C VAL G 49 10.51 -15.17 9.73
N TYR G 50 9.97 -14.39 8.79
CA TYR G 50 10.37 -13.00 8.68
C TYR G 50 9.97 -12.19 9.90
N LEU G 51 8.75 -12.44 10.42
CA LEU G 51 8.32 -11.71 11.60
C LEU G 51 9.17 -12.06 12.81
N ALA G 52 9.50 -13.33 12.97
CA ALA G 52 10.38 -13.73 14.07
C ALA G 52 11.75 -13.12 13.92
N ALA G 53 12.25 -13.05 12.68
CA ALA G 53 13.56 -12.45 12.44
C ALA G 53 13.56 -10.98 12.84
N VAL G 54 12.52 -10.26 12.44
CA VAL G 54 12.45 -8.83 12.77
C VAL G 54 12.34 -8.64 14.27
N LEU G 55 11.52 -9.46 14.93
CA LEU G 55 11.39 -9.35 16.38
C LEU G 55 12.71 -9.64 17.06
N GLU G 56 13.42 -10.68 16.59
CA GLU G 56 14.71 -11.02 17.18
C GLU G 56 15.73 -9.90 16.97
N TYR G 57 15.75 -9.33 15.78
CA TYR G 57 16.62 -8.18 15.48
C TYR G 57 16.37 -7.04 16.45
N LEU G 58 15.10 -6.65 16.58
CA LEU G 58 14.76 -5.55 17.47
C LEU G 58 15.13 -5.87 18.91
N THR G 59 14.83 -7.10 19.35
CA THR G 59 15.16 -7.49 20.72
C THR G 59 16.66 -7.52 20.93
N ALA G 60 17.42 -7.92 19.91
CA ALA G 60 18.86 -7.97 20.01
C ALA G 60 19.43 -6.56 20.17
N GLU G 61 18.94 -5.62 19.36
CA GLU G 61 19.43 -4.24 19.50
C GLU G 61 19.05 -3.66 20.85
N ILE G 62 17.82 -3.92 21.30
CA ILE G 62 17.38 -3.41 22.60
C ILE G 62 18.23 -3.98 23.72
N LEU G 63 18.49 -5.29 23.68
CA LEU G 63 19.27 -5.92 24.72
C LEU G 63 20.73 -5.48 24.69
N GLU G 64 21.29 -5.26 23.50
CA GLU G 64 22.67 -4.80 23.44
C GLU G 64 22.82 -3.39 23.97
N LEU G 65 21.88 -2.51 23.64
CA LEU G 65 21.89 -1.18 24.25
C LEU G 65 21.68 -1.28 25.75
N ALA G 66 20.83 -2.21 26.18
CA ALA G 66 20.59 -2.40 27.61
C ALA G 66 21.86 -2.85 28.33
N GLY G 67 22.61 -3.76 27.72
CA GLY G 67 23.87 -4.20 28.32
C GLY G 67 24.90 -3.09 28.35
N ASN G 68 24.96 -2.28 27.29
CA ASN G 68 25.85 -1.13 27.30
C ASN G 68 25.50 -0.18 28.43
N ALA G 69 24.21 0.12 28.58
CA ALA G 69 23.76 1.02 29.65
C ALA G 69 23.98 0.42 31.03
N ALA G 70 23.82 -0.91 31.16
CA ALA G 70 24.03 -1.56 32.44
C ALA G 70 25.49 -1.50 32.84
N ARG G 71 26.40 -1.78 31.90
CA ARG G 71 27.82 -1.64 32.19
C ARG G 71 28.22 -0.20 32.40
N ASP G 72 27.45 0.75 31.84
CA ASP G 72 27.65 2.15 32.21
C ASP G 72 27.30 2.38 33.67
N ASN G 73 26.32 1.65 34.19
CA ASN G 73 25.91 1.76 35.59
C ASN G 73 26.57 0.71 36.46
N LYS G 74 27.44 -0.12 35.88
CA LYS G 74 28.21 -1.13 36.61
C LYS G 74 27.29 -2.08 37.38
N LYS G 75 26.17 -2.46 36.77
CA LYS G 75 25.23 -3.39 37.36
C LYS G 75 25.07 -4.58 36.43
N THR G 76 25.00 -5.78 37.01
CA THR G 76 24.96 -7.01 36.24
C THR G 76 23.54 -7.54 36.07
N ARG G 77 22.54 -6.74 36.41
CA ARG G 77 21.14 -7.07 36.17
C ARG G 77 20.53 -5.99 35.30
N ILE G 78 19.70 -6.41 34.34
CA ILE G 78 19.04 -5.45 33.46
C ILE G 78 17.93 -4.79 34.26
N ILE G 79 17.97 -3.46 34.34
CA ILE G 79 17.00 -2.72 35.15
C ILE G 79 16.10 -1.90 34.23
N PRO G 80 14.85 -1.67 34.62
CA PRO G 80 13.97 -0.85 33.79
C PRO G 80 14.47 0.56 33.58
N ARG G 81 15.17 1.13 34.57
CA ARG G 81 15.73 2.46 34.39
C ARG G 81 16.77 2.47 33.27
N HIS G 82 17.63 1.45 33.24
CA HIS G 82 18.59 1.34 32.16
C HIS G 82 17.89 1.13 30.82
N LEU G 83 16.80 0.35 30.83
CA LEU G 83 16.05 0.13 29.60
C LEU G 83 15.48 1.44 29.07
N GLN G 84 14.87 2.23 29.95
CA GLN G 84 14.31 3.51 29.54
C GLN G 84 15.41 4.46 29.07
N LEU G 85 16.55 4.46 29.76
CA LEU G 85 17.66 5.32 29.37
C LEU G 85 18.17 4.94 27.99
N ALA G 86 18.27 3.65 27.70
CA ALA G 86 18.68 3.21 26.38
C ALA G 86 17.64 3.59 25.33
N ILE G 87 16.35 3.45 25.67
CA ILE G 87 15.31 3.76 24.71
C ILE G 87 15.29 5.23 24.38
N ARG G 88 15.60 6.08 25.36
CA ARG G 88 15.73 7.51 25.07
C ARG G 88 17.04 7.82 24.35
N ASN G 89 18.09 7.05 24.61
CA ASN G 89 19.41 7.37 24.12
C ASN G 89 19.62 7.02 22.66
N ASP G 90 18.80 6.15 22.09
CA ASP G 90 18.95 5.77 20.69
C ASP G 90 17.93 6.51 19.86
N GLU G 91 18.41 7.26 18.86
CA GLU G 91 17.54 8.12 18.08
C GLU G 91 16.48 7.33 17.32
N GLU G 92 16.91 6.32 16.56
CA GLU G 92 15.95 5.50 15.83
C GLU G 92 15.05 4.73 16.78
N LEU G 93 15.60 4.21 17.88
CA LEU G 93 14.76 3.52 18.84
C LEU G 93 13.80 4.47 19.54
N ASN G 94 14.27 5.68 19.87
CA ASN G 94 13.38 6.66 20.48
C ASN G 94 12.23 7.02 19.55
N LYS G 95 12.51 7.21 18.26
CA LYS G 95 11.46 7.46 17.31
C LYS G 95 10.60 6.23 17.05
N LEU G 96 11.11 5.04 17.34
CA LEU G 96 10.29 3.84 17.21
C LEU G 96 9.26 3.77 18.33
N LEU G 97 9.68 4.05 19.56
CA LEU G 97 8.82 3.87 20.72
C LEU G 97 8.61 5.18 21.49
N GLY G 98 8.41 6.28 20.77
CA GLY G 98 8.28 7.57 21.42
C GLY G 98 7.02 7.68 22.26
N LYS G 99 5.94 7.05 21.82
CA LYS G 99 4.65 7.13 22.51
C LYS G 99 4.39 5.87 23.34
N VAL G 100 5.43 5.32 23.94
CA VAL G 100 5.33 4.17 24.81
C VAL G 100 6.01 4.51 26.13
N THR G 101 5.39 4.14 27.23
CA THR G 101 5.90 4.45 28.56
C THR G 101 6.43 3.19 29.22
N ILE G 102 7.48 3.35 30.01
CA ILE G 102 8.13 2.24 30.68
C ILE G 102 7.96 2.43 32.19
N ALA G 103 7.43 1.40 32.85
CA ALA G 103 7.18 1.49 34.28
C ALA G 103 8.49 1.56 35.05
N GLN G 104 8.56 2.51 35.99
CA GLN G 104 9.70 2.68 36.89
C GLN G 104 11.02 2.85 36.13
N GLY G 105 10.96 3.46 34.96
CA GLY G 105 12.17 3.65 34.17
C GLY G 105 12.78 5.02 34.37
N GLY G 106 12.03 5.92 35.01
CA GLY G 106 12.50 7.26 35.19
C GLY G 106 12.53 8.01 33.87
N VAL G 107 13.31 9.09 33.85
CA VAL G 107 13.47 9.92 32.67
C VAL G 107 14.95 10.16 32.45
N LEU G 108 15.30 10.44 31.20
CA LEU G 108 16.69 10.74 30.88
C LEU G 108 17.07 12.05 31.54
N PRO G 109 18.21 12.11 32.24
CA PRO G 109 18.60 13.38 32.87
C PRO G 109 18.95 14.42 31.82
N ASN G 110 18.22 15.53 31.86
CA ASN G 110 18.39 16.59 30.87
C ASN G 110 18.10 17.92 31.54
N ILE G 111 19.16 18.69 31.83
CA ILE G 111 19.05 19.97 32.50
C ILE G 111 19.32 21.05 31.47
N GLN G 112 18.40 22.00 31.35
CA GLN G 112 18.55 23.06 30.36
C GLN G 112 19.72 23.97 30.73
N ALA G 113 20.41 24.45 29.69
CA ALA G 113 21.56 25.31 29.92
C ALA G 113 21.14 26.65 30.52
N VAL G 114 19.94 27.13 30.16
CA VAL G 114 19.45 28.38 30.73
C VAL G 114 19.19 28.23 32.23
N LEU G 115 18.84 27.03 32.67
CA LEU G 115 18.67 26.80 34.11
C LEU G 115 20.00 26.90 34.85
N LEU G 116 21.10 26.59 34.17
CA LEU G 116 22.41 26.66 34.81
C LEU G 116 22.79 28.10 35.09
N PRO G 117 23.54 28.35 36.17
CA PRO G 117 23.98 29.70 36.54
C PRO G 117 25.18 30.17 35.72
N ARG H 33 1.64 -20.03 32.17
CA ARG H 33 2.65 -19.37 31.35
C ARG H 33 2.03 -18.21 30.57
N LYS H 34 0.76 -18.36 30.21
CA LYS H 34 0.01 -17.36 29.46
C LYS H 34 0.70 -16.98 28.16
N GLU H 35 1.33 -17.97 27.52
CA GLU H 35 1.97 -17.84 26.21
C GLU H 35 2.94 -16.64 26.17
N SER H 36 3.96 -16.73 27.00
CA SER H 36 5.02 -15.74 27.01
C SER H 36 6.22 -16.24 26.23
N TYR H 37 7.07 -15.31 25.84
CA TYR H 37 8.31 -15.61 25.13
C TYR H 37 9.53 -15.38 26.01
N SER H 38 9.37 -15.45 27.33
CA SER H 38 10.45 -15.10 28.25
C SER H 38 11.66 -16.01 28.08
N VAL H 39 11.42 -17.29 27.79
CA VAL H 39 12.53 -18.21 27.59
C VAL H 39 13.34 -17.80 26.37
N TYR H 40 12.67 -17.39 25.29
CA TYR H 40 13.37 -16.89 24.13
C TYR H 40 14.10 -15.59 24.45
N VAL H 41 13.49 -14.74 25.27
CA VAL H 41 14.13 -13.48 25.65
C VAL H 41 15.42 -13.76 26.40
N TYR H 42 15.39 -14.69 27.35
CA TYR H 42 16.59 -15.04 28.09
C TYR H 42 17.64 -15.67 27.19
N LYS H 43 17.21 -16.53 26.27
CA LYS H 43 18.16 -17.17 25.35
C LYS H 43 18.85 -16.13 24.49
N VAL H 44 18.09 -15.19 23.95
CA VAL H 44 18.69 -14.15 23.12
C VAL H 44 19.58 -13.24 23.95
N LEU H 45 19.18 -12.96 25.20
CA LEU H 45 20.00 -12.11 26.07
C LEU H 45 21.34 -12.77 26.36
N LYS H 46 21.31 -14.06 26.68
CA LYS H 46 22.57 -14.78 26.88
C LYS H 46 23.37 -14.85 25.59
N GLN H 47 22.69 -14.91 24.44
CA GLN H 47 23.40 -14.86 23.17
C GLN H 47 24.14 -13.56 23.00
N VAL H 48 23.50 -12.45 23.36
CA VAL H 48 24.12 -11.13 23.22
C VAL H 48 25.07 -10.86 24.37
N HIS H 49 24.59 -10.96 25.61
CA HIS H 49 25.40 -10.72 26.80
C HIS H 49 25.24 -11.92 27.73
N PRO H 50 26.10 -12.93 27.63
CA PRO H 50 25.96 -14.12 28.49
C PRO H 50 26.33 -13.88 29.94
N ASP H 51 26.83 -12.70 30.30
CA ASP H 51 27.38 -12.46 31.63
C ASP H 51 26.56 -11.49 32.47
N THR H 52 25.32 -11.21 32.07
CA THR H 52 24.51 -10.22 32.76
C THR H 52 23.12 -10.80 33.00
N GLY H 53 22.45 -10.31 34.05
CA GLY H 53 21.13 -10.76 34.41
C GLY H 53 20.06 -9.74 34.03
N ILE H 54 18.82 -10.14 34.27
CA ILE H 54 17.67 -9.31 33.93
C ILE H 54 16.67 -9.33 35.07
N SER H 55 15.99 -8.21 35.27
CA SER H 55 14.92 -8.16 36.24
C SER H 55 13.67 -8.83 35.70
N SER H 56 12.83 -9.33 36.61
CA SER H 56 11.54 -9.85 36.22
C SER H 56 10.67 -8.74 35.62
N LYS H 57 10.72 -7.56 36.22
CA LYS H 57 10.03 -6.41 35.64
C LYS H 57 10.59 -6.10 34.26
N ALA H 58 11.92 -6.17 34.12
CA ALA H 58 12.52 -5.95 32.82
C ALA H 58 12.08 -7.00 31.82
N MET H 59 11.98 -8.27 32.26
CA MET H 59 11.54 -9.33 31.36
C MET H 59 10.11 -9.09 30.91
N GLY H 60 9.24 -8.68 31.83
CA GLY H 60 7.87 -8.37 31.44
C GLY H 60 7.80 -7.19 30.51
N ILE H 61 8.63 -6.17 30.73
CA ILE H 61 8.66 -5.02 29.85
C ILE H 61 9.08 -5.43 28.45
N MET H 62 10.10 -6.28 28.36
CA MET H 62 10.55 -6.77 27.06
C MET H 62 9.46 -7.59 26.39
N ASN H 63 8.75 -8.42 27.16
CA ASN H 63 7.67 -9.21 26.60
C ASN H 63 6.57 -8.31 26.03
N SER H 64 6.22 -7.27 26.78
CA SER H 64 5.22 -6.34 26.28
C SER H 64 5.71 -5.62 25.03
N PHE H 65 7.00 -5.28 24.99
CA PHE H 65 7.56 -4.65 23.80
C PHE H 65 7.45 -5.58 22.60
N VAL H 66 7.77 -6.85 22.79
CA VAL H 66 7.70 -7.82 21.71
C VAL H 66 6.26 -7.96 21.23
N ASN H 67 5.31 -8.05 22.16
CA ASN H 67 3.91 -8.18 21.80
C ASN H 67 3.43 -6.96 21.01
N ASP H 68 3.81 -5.76 21.47
CA ASP H 68 3.40 -4.54 20.78
C ASP H 68 3.97 -4.48 19.38
N ILE H 69 5.25 -4.85 19.23
CA ILE H 69 5.84 -4.82 17.90
C ILE H 69 5.17 -5.84 16.99
N PHE H 70 4.85 -7.02 17.53
CA PHE H 70 4.15 -8.03 16.75
C PHE H 70 2.79 -7.51 16.28
N GLU H 71 2.04 -6.91 17.19
CA GLU H 71 0.71 -6.41 16.84
C GLU H 71 0.80 -5.29 15.81
N ARG H 72 1.78 -4.39 15.98
CA ARG H 72 1.92 -3.28 15.04
C ARG H 72 2.27 -3.79 13.66
N ILE H 73 3.22 -4.72 13.57
CA ILE H 73 3.60 -5.27 12.27
C ILE H 73 2.43 -6.02 11.65
N ALA H 74 1.66 -6.73 12.47
CA ALA H 74 0.54 -7.50 11.94
C ALA H 74 -0.55 -6.59 11.40
N GLY H 75 -0.85 -5.51 12.13
CA GLY H 75 -1.85 -4.57 11.64
C GLY H 75 -1.40 -3.87 10.38
N GLU H 76 -0.12 -3.52 10.31
CA GLU H 76 0.39 -2.91 9.10
C GLU H 76 0.30 -3.87 7.92
N ALA H 77 0.63 -5.15 8.14
CA ALA H 77 0.54 -6.13 7.07
C ALA H 77 -0.89 -6.34 6.62
N SER H 78 -1.83 -6.39 7.57
CA SER H 78 -3.23 -6.60 7.21
C SER H 78 -3.77 -5.41 6.43
N ARG H 79 -3.45 -4.19 6.88
CA ARG H 79 -3.89 -3.02 6.16
C ARG H 79 -3.27 -2.95 4.77
N LEU H 80 -2.01 -3.37 4.63
CA LEU H 80 -1.39 -3.44 3.31
C LEU H 80 -2.09 -4.45 2.43
N ALA H 81 -2.42 -5.62 2.98
CA ALA H 81 -3.04 -6.67 2.20
C ALA H 81 -4.42 -6.25 1.71
N HIS H 82 -5.20 -5.63 2.59
CA HIS H 82 -6.51 -5.12 2.16
C HIS H 82 -6.32 -3.98 1.16
N TYR H 83 -5.36 -3.10 1.40
CA TYR H 83 -5.09 -2.01 0.47
C TYR H 83 -4.56 -2.53 -0.86
N ASN H 84 -3.84 -3.66 -0.83
CA ASN H 84 -3.41 -4.32 -2.06
C ASN H 84 -4.40 -5.39 -2.49
N LYS H 85 -5.52 -5.53 -1.77
CA LYS H 85 -6.62 -6.43 -2.14
C LYS H 85 -6.17 -7.88 -2.26
N ARG H 86 -5.11 -8.25 -1.57
CA ARG H 86 -4.65 -9.64 -1.56
C ARG H 86 -5.36 -10.39 -0.45
N SER H 87 -5.61 -11.68 -0.69
CA SER H 87 -6.33 -12.53 0.25
C SER H 87 -5.39 -13.43 1.05
N THR H 88 -4.11 -13.12 1.08
CA THR H 88 -3.13 -13.90 1.80
C THR H 88 -2.13 -12.97 2.47
N ILE H 89 -1.48 -13.46 3.52
CA ILE H 89 -0.42 -12.73 4.21
C ILE H 89 0.89 -13.35 3.77
N THR H 90 1.72 -12.56 3.09
CA THR H 90 2.93 -13.07 2.49
C THR H 90 4.15 -12.34 3.05
N SER H 91 5.32 -12.89 2.73
CA SER H 91 6.56 -12.29 3.21
C SER H 91 6.82 -10.95 2.54
N ARG H 92 6.32 -10.76 1.31
CA ARG H 92 6.46 -9.49 0.64
C ARG H 92 5.78 -8.38 1.44
N GLU H 93 4.55 -8.61 1.87
CA GLU H 93 3.87 -7.61 2.69
C GLU H 93 4.50 -7.48 4.06
N ILE H 94 5.12 -8.54 4.58
CA ILE H 94 5.82 -8.44 5.85
C ILE H 94 7.00 -7.48 5.72
N GLN H 95 7.79 -7.65 4.65
CA GLN H 95 8.92 -6.75 4.41
C GLN H 95 8.43 -5.33 4.15
N THR H 96 7.34 -5.17 3.42
CA THR H 96 6.80 -3.84 3.15
C THR H 96 6.40 -3.15 4.46
N ALA H 97 5.66 -3.87 5.31
CA ALA H 97 5.23 -3.28 6.57
C ALA H 97 6.42 -2.96 7.47
N VAL H 98 7.41 -3.85 7.51
CA VAL H 98 8.58 -3.60 8.34
C VAL H 98 9.33 -2.37 7.86
N ARG H 99 9.50 -2.25 6.55
CA ARG H 99 10.15 -1.07 6.00
C ARG H 99 9.36 0.18 6.32
N LEU H 100 8.03 0.07 6.34
CA LEU H 100 7.20 1.19 6.77
C LEU H 100 7.50 1.56 8.22
N LEU H 101 7.57 0.56 9.10
CA LEU H 101 7.63 0.84 10.53
C LEU H 101 9.02 1.33 10.95
N LEU H 102 10.06 0.57 10.61
CA LEU H 102 11.37 0.76 11.23
C LEU H 102 12.08 1.98 10.64
N PRO H 103 12.89 2.68 11.43
CA PRO H 103 13.68 3.79 10.90
C PRO H 103 14.82 3.27 10.02
N GLY H 104 15.47 4.20 9.34
CA GLY H 104 16.31 3.91 8.19
C GLY H 104 17.36 2.82 8.32
N GLU H 105 18.38 3.06 9.15
CA GLU H 105 19.41 2.04 9.32
C GLU H 105 18.86 0.81 9.99
N LEU H 106 17.95 1.00 10.95
CA LEU H 106 17.31 -0.13 11.60
C LEU H 106 16.48 -0.93 10.61
N ALA H 107 15.75 -0.25 9.72
CA ALA H 107 15.00 -0.96 8.70
C ALA H 107 15.92 -1.73 7.77
N LYS H 108 17.04 -1.12 7.37
CA LYS H 108 17.96 -1.80 6.48
C LYS H 108 18.52 -3.05 7.13
N HIS H 109 18.99 -2.94 8.36
CA HIS H 109 19.58 -4.10 9.03
C HIS H 109 18.54 -5.17 9.32
N ALA H 110 17.33 -4.76 9.74
CA ALA H 110 16.30 -5.72 10.05
C ALA H 110 15.83 -6.47 8.81
N VAL H 111 15.60 -5.74 7.72
CA VAL H 111 15.18 -6.38 6.48
C VAL H 111 16.27 -7.28 5.96
N SER H 112 17.54 -6.88 6.13
CA SER H 112 18.64 -7.74 5.74
C SER H 112 18.62 -9.05 6.51
N GLU H 113 18.44 -8.96 7.83
CA GLU H 113 18.39 -10.17 8.63
C GLU H 113 17.20 -11.04 8.27
N GLY H 114 16.05 -10.42 7.99
CA GLY H 114 14.88 -11.19 7.59
C GLY H 114 15.08 -11.88 6.26
N THR H 115 15.70 -11.18 5.31
CA THR H 115 15.99 -11.79 4.01
C THR H 115 16.94 -12.96 4.16
N LYS H 116 17.98 -12.80 4.98
CA LYS H 116 18.91 -13.89 5.20
C LYS H 116 18.22 -15.06 5.88
N ALA H 117 17.34 -14.77 6.83
CA ALA H 117 16.60 -15.82 7.53
C ALA H 117 15.71 -16.58 6.58
N VAL H 118 15.00 -15.86 5.70
CA VAL H 118 14.15 -16.51 4.72
C VAL H 118 14.98 -17.33 3.76
N THR H 119 16.16 -16.84 3.39
CA THR H 119 17.05 -17.60 2.52
C THR H 119 17.47 -18.90 3.17
N LYS H 120 17.82 -18.84 4.45
CA LYS H 120 18.24 -20.05 5.15
C LYS H 120 17.10 -21.03 5.32
N TYR H 121 15.89 -20.52 5.62
CA TYR H 121 14.75 -21.40 5.80
C TYR H 121 14.35 -22.07 4.49
N THR H 122 14.33 -21.31 3.40
CA THR H 122 13.93 -21.88 2.12
C THR H 122 14.99 -22.83 1.58
N SER H 123 16.27 -22.43 1.66
CA SER H 123 17.34 -23.26 1.13
C SER H 123 17.49 -24.54 1.94
N SER H 124 17.40 -24.45 3.26
CA SER H 124 17.56 -25.61 4.11
C SER H 124 16.19 -26.10 4.59
N LEU L 11 -7.18 -42.49 -35.59
CA LEU L 11 -8.57 -42.92 -35.76
C LEU L 11 -9.50 -42.08 -34.89
N ASN L 12 -9.08 -40.86 -34.58
CA ASN L 12 -9.85 -39.92 -33.78
C ASN L 12 -10.02 -38.62 -34.54
N GLY L 13 -10.34 -38.73 -35.83
CA GLY L 13 -10.43 -37.57 -36.69
C GLY L 13 -11.53 -36.61 -36.28
N GLY L 14 -12.72 -37.14 -35.97
CA GLY L 14 -13.83 -36.26 -35.63
C GLY L 14 -13.62 -35.52 -34.33
N ILE L 15 -13.04 -36.19 -33.33
CA ILE L 15 -12.74 -35.54 -32.06
C ILE L 15 -11.71 -34.45 -32.24
N THR L 16 -10.67 -34.72 -33.05
CA THR L 16 -9.66 -33.70 -33.32
C THR L 16 -10.25 -32.53 -34.10
N ASP L 17 -11.16 -32.79 -35.05
CA ASP L 17 -11.77 -31.72 -35.82
C ASP L 17 -12.65 -30.84 -34.93
N MET L 18 -13.47 -31.46 -34.08
CA MET L 18 -14.33 -30.68 -33.20
C MET L 18 -13.53 -29.95 -32.12
N LEU L 19 -12.37 -30.49 -31.74
CA LEU L 19 -11.50 -29.80 -30.79
C LEU L 19 -10.72 -28.66 -31.43
N THR L 20 -10.42 -28.76 -32.72
CA THR L 20 -9.72 -27.67 -33.40
C THR L 20 -10.57 -26.40 -33.44
N GLU L 21 -11.84 -26.53 -33.85
CA GLU L 21 -12.71 -25.37 -33.88
C GLU L 21 -13.01 -24.84 -32.48
N LEU L 22 -13.07 -25.71 -31.48
CA LEU L 22 -13.17 -25.25 -30.10
C LEU L 22 -11.93 -24.48 -29.70
N ALA L 23 -10.76 -24.95 -30.13
CA ALA L 23 -9.51 -24.24 -29.84
C ALA L 23 -9.47 -22.87 -30.51
N ASN L 24 -10.07 -22.76 -31.70
CA ASN L 24 -10.15 -21.45 -32.35
C ASN L 24 -10.96 -20.48 -31.52
N PHE L 25 -12.02 -20.97 -30.87
CA PHE L 25 -12.85 -20.12 -30.02
C PHE L 25 -12.04 -19.59 -28.84
N GLU L 26 -11.20 -20.42 -28.24
CA GLU L 26 -10.34 -19.97 -27.16
C GLU L 26 -9.20 -19.10 -27.66
N LYS L 27 -8.79 -19.26 -28.91
CA LYS L 27 -7.63 -18.55 -29.44
C LYS L 27 -7.99 -17.14 -29.91
N ASN L 28 -8.89 -17.04 -30.88
CA ASN L 28 -9.18 -15.77 -31.52
C ASN L 28 -10.35 -15.03 -30.89
N VAL L 29 -11.28 -15.74 -30.27
CA VAL L 29 -12.48 -15.12 -29.73
C VAL L 29 -12.30 -14.90 -28.23
N SER L 30 -12.00 -15.98 -27.49
CA SER L 30 -11.79 -15.85 -26.06
C SER L 30 -10.48 -15.18 -25.71
N GLN L 31 -9.55 -15.08 -26.67
CA GLN L 31 -8.22 -14.51 -26.45
C GLN L 31 -7.49 -15.24 -25.33
N ALA L 32 -7.70 -16.55 -25.25
CA ALA L 32 -7.09 -17.40 -24.23
C ALA L 32 -6.17 -18.39 -24.92
N ILE L 33 -4.90 -18.01 -25.06
CA ILE L 33 -3.91 -18.96 -25.54
C ILE L 33 -3.72 -20.08 -24.54
N HIS L 34 -3.91 -19.79 -23.24
CA HIS L 34 -3.77 -20.82 -22.22
C HIS L 34 -4.77 -21.95 -22.37
N LYS L 35 -5.86 -21.72 -23.11
CA LYS L 35 -6.81 -22.77 -23.48
C LYS L 35 -6.61 -23.26 -24.91
N TYR L 36 -6.29 -22.36 -25.83
CA TYR L 36 -6.10 -22.74 -27.22
C TYR L 36 -4.93 -23.71 -27.39
N ASN L 37 -3.80 -23.42 -26.74
CA ASN L 37 -2.63 -24.30 -26.86
C ASN L 37 -2.91 -25.66 -26.24
N ALA L 38 -3.60 -25.68 -25.10
CA ALA L 38 -3.93 -26.96 -24.46
C ALA L 38 -4.88 -27.78 -25.33
N TYR L 39 -5.90 -27.14 -25.89
CA TYR L 39 -6.81 -27.85 -26.79
C TYR L 39 -6.08 -28.35 -28.03
N ARG L 40 -5.14 -27.56 -28.55
CA ARG L 40 -4.38 -27.97 -29.71
C ARG L 40 -3.48 -29.16 -29.40
N LYS L 41 -2.84 -29.17 -28.23
CA LYS L 41 -2.03 -30.31 -27.84
C LYS L 41 -2.89 -31.56 -27.66
N ALA L 42 -4.07 -31.40 -27.04
CA ALA L 42 -4.97 -32.54 -26.89
C ALA L 42 -5.43 -33.07 -28.24
N ALA L 43 -5.75 -32.17 -29.19
CA ALA L 43 -6.17 -32.58 -30.52
C ALA L 43 -5.03 -33.26 -31.27
N SER L 44 -3.80 -32.76 -31.11
CA SER L 44 -2.65 -33.40 -31.73
C SER L 44 -2.43 -34.80 -31.17
N VAL L 45 -2.60 -34.97 -29.86
CA VAL L 45 -2.45 -36.30 -29.27
C VAL L 45 -3.57 -37.22 -29.70
N ILE L 46 -4.79 -36.69 -29.86
CA ILE L 46 -5.92 -37.52 -30.28
C ILE L 46 -5.74 -37.98 -31.72
N ALA L 47 -5.31 -37.07 -32.60
CA ALA L 47 -5.00 -37.46 -33.97
C ALA L 47 -3.77 -38.35 -34.06
N LYS L 48 -2.86 -38.26 -33.08
CA LYS L 48 -1.67 -39.09 -33.06
C LYS L 48 -1.95 -40.49 -32.53
N TYR L 49 -3.05 -40.69 -31.82
CA TYR L 49 -3.43 -42.02 -31.38
C TYR L 49 -4.11 -42.76 -32.53
N PRO L 50 -3.52 -43.84 -33.03
CA PRO L 50 -4.17 -44.62 -34.10
C PRO L 50 -5.10 -45.69 -33.54
N HIS L 51 -6.05 -45.24 -32.72
CA HIS L 51 -7.03 -46.14 -32.12
C HIS L 51 -8.36 -45.40 -32.00
N LYS L 52 -9.44 -46.15 -32.03
CA LYS L 52 -10.76 -45.57 -31.95
C LYS L 52 -11.04 -45.10 -30.53
N ILE L 53 -11.51 -43.87 -30.39
CA ILE L 53 -11.88 -43.31 -29.08
C ILE L 53 -13.32 -43.71 -28.80
N LYS L 54 -13.52 -44.48 -27.75
CA LYS L 54 -14.85 -44.94 -27.35
C LYS L 54 -15.36 -44.26 -26.09
N SER L 55 -14.48 -43.95 -25.15
CA SER L 55 -14.86 -43.30 -23.91
C SER L 55 -13.90 -42.16 -23.63
N GLY L 56 -14.42 -41.13 -22.96
CA GLY L 56 -13.56 -40.04 -22.54
C GLY L 56 -12.52 -40.47 -21.52
N ALA L 57 -12.88 -41.43 -20.66
CA ALA L 57 -11.93 -41.97 -19.71
C ALA L 57 -10.80 -42.72 -20.40
N GLU L 58 -11.10 -43.41 -21.51
CA GLU L 58 -10.05 -44.10 -22.26
C GLU L 58 -9.03 -43.12 -22.82
N ALA L 59 -9.50 -42.00 -23.36
CA ALA L 59 -8.59 -40.98 -23.85
C ALA L 59 -7.94 -40.18 -22.72
N LYS L 60 -8.52 -40.22 -21.52
CA LYS L 60 -7.94 -39.51 -20.39
C LYS L 60 -6.62 -40.12 -19.94
N LYS L 61 -6.34 -41.36 -20.33
CA LYS L 61 -5.06 -41.97 -20.02
C LYS L 61 -3.92 -41.26 -20.73
N LEU L 62 -4.18 -40.74 -21.93
CA LEU L 62 -3.17 -40.01 -22.65
C LEU L 62 -2.84 -38.70 -21.93
N PRO L 63 -1.56 -38.31 -21.87
CA PRO L 63 -1.22 -37.06 -21.21
C PRO L 63 -1.76 -35.84 -21.95
N GLY L 64 -2.03 -34.78 -21.19
CA GLY L 64 -2.60 -33.58 -21.73
C GLY L 64 -4.10 -33.55 -21.83
N VAL L 65 -4.76 -34.64 -21.48
CA VAL L 65 -6.22 -34.73 -21.52
C VAL L 65 -6.73 -34.71 -20.08
N GLY L 66 -7.58 -33.73 -19.77
CA GLY L 66 -8.11 -33.57 -18.44
C GLY L 66 -9.62 -33.67 -18.36
N THR L 67 -10.20 -33.02 -17.35
CA THR L 67 -11.63 -33.19 -17.06
C THR L 67 -12.50 -32.60 -18.17
N LYS L 68 -12.23 -31.36 -18.55
CA LYS L 68 -13.05 -30.71 -19.58
C LYS L 68 -12.93 -31.42 -20.91
N ILE L 69 -11.71 -31.82 -21.28
CA ILE L 69 -11.50 -32.51 -22.56
C ILE L 69 -12.19 -33.86 -22.55
N ALA L 70 -12.08 -34.61 -21.45
CA ALA L 70 -12.75 -35.90 -21.38
C ALA L 70 -14.26 -35.76 -21.45
N GLU L 71 -14.82 -34.78 -20.74
CA GLU L 71 -16.26 -34.55 -20.80
C GLU L 71 -16.71 -34.16 -22.20
N LYS L 72 -15.93 -33.30 -22.87
CA LYS L 72 -16.27 -32.90 -24.24
C LYS L 72 -16.20 -34.08 -25.19
N ILE L 73 -15.20 -34.95 -25.03
CA ILE L 73 -15.09 -36.11 -25.91
C ILE L 73 -16.22 -37.10 -25.66
N ASP L 74 -16.60 -37.30 -24.40
CA ASP L 74 -17.73 -38.18 -24.10
C ASP L 74 -19.03 -37.62 -24.67
N GLU L 75 -19.26 -36.32 -24.54
CA GLU L 75 -20.46 -35.71 -25.08
C GLU L 75 -20.48 -35.78 -26.61
N PHE L 76 -19.32 -35.56 -27.24
CA PHE L 76 -19.25 -35.65 -28.70
C PHE L 76 -19.49 -37.07 -29.19
N LEU L 77 -18.95 -38.06 -28.48
CA LEU L 77 -19.18 -39.44 -28.87
C LEU L 77 -20.63 -39.85 -28.65
N ALA L 78 -21.26 -39.39 -27.56
CA ALA L 78 -22.62 -39.79 -27.27
C ALA L 78 -23.63 -39.11 -28.18
N THR L 79 -23.46 -37.81 -28.45
CA THR L 79 -24.46 -37.03 -29.14
C THR L 79 -24.07 -36.62 -30.56
N GLY L 80 -22.81 -36.82 -30.95
CA GLY L 80 -22.37 -36.42 -32.27
C GLY L 80 -22.00 -34.97 -32.42
N LYS L 81 -22.11 -34.18 -31.36
CA LYS L 81 -21.79 -32.76 -31.41
C LYS L 81 -21.66 -32.27 -29.97
N LEU L 82 -21.42 -30.96 -29.83
CA LEU L 82 -21.33 -30.30 -28.54
C LEU L 82 -22.29 -29.13 -28.52
N ARG L 83 -23.08 -29.03 -27.44
CA ARG L 83 -24.07 -27.95 -27.34
C ARG L 83 -23.41 -26.58 -27.33
N LYS L 84 -22.30 -26.44 -26.59
CA LYS L 84 -21.56 -25.19 -26.59
C LYS L 84 -20.98 -24.90 -27.97
N LEU L 85 -20.44 -25.92 -28.64
CA LEU L 85 -19.91 -25.73 -29.98
C LEU L 85 -21.03 -25.37 -30.96
N GLU L 86 -22.18 -26.01 -30.83
CA GLU L 86 -23.31 -25.69 -31.70
C GLU L 86 -23.79 -24.26 -31.48
N LYS L 87 -23.82 -23.81 -30.22
CA LYS L 87 -24.28 -22.45 -29.91
C LYS L 87 -23.26 -21.40 -30.32
N ILE L 88 -21.97 -21.72 -30.24
CA ILE L 88 -20.95 -20.75 -30.63
C ILE L 88 -20.74 -20.71 -32.14
N ARG L 89 -21.00 -21.81 -32.84
CA ARG L 89 -20.92 -21.81 -34.30
C ARG L 89 -22.03 -20.96 -34.89
N GLN L 90 -23.23 -21.03 -34.32
CA GLN L 90 -24.35 -20.22 -34.78
C GLN L 90 -24.26 -18.78 -34.32
N ASP L 91 -23.31 -18.45 -33.44
CA ASP L 91 -23.13 -17.07 -33.00
C ASP L 91 -22.63 -16.22 -34.16
N ASP L 92 -23.42 -15.22 -34.54
CA ASP L 92 -23.04 -14.36 -35.66
C ASP L 92 -21.78 -13.56 -35.34
N THR L 93 -21.66 -13.08 -34.10
CA THR L 93 -20.45 -12.37 -33.70
C THR L 93 -19.24 -13.29 -33.75
N SER L 94 -19.38 -14.52 -33.22
CA SER L 94 -18.26 -15.45 -33.23
C SER L 94 -17.88 -15.86 -34.65
N SER L 95 -18.88 -16.12 -35.50
CA SER L 95 -18.59 -16.48 -36.89
C SER L 95 -17.94 -15.33 -37.63
N SER L 96 -18.41 -14.11 -37.40
CA SER L 96 -17.81 -12.94 -38.04
C SER L 96 -16.37 -12.74 -37.59
N ILE L 97 -16.12 -12.92 -36.29
CA ILE L 97 -14.77 -12.76 -35.76
C ILE L 97 -13.84 -13.82 -36.34
N ASN L 98 -14.31 -15.07 -36.41
CA ASN L 98 -13.50 -16.14 -36.97
C ASN L 98 -13.21 -15.90 -38.45
N PHE L 99 -14.21 -15.43 -39.20
CA PHE L 99 -14.00 -15.15 -40.61
C PHE L 99 -13.03 -13.99 -40.80
N LEU L 100 -13.13 -12.96 -39.95
CA LEU L 100 -12.24 -11.81 -40.05
C LEU L 100 -10.81 -12.19 -39.68
N THR L 101 -10.64 -13.04 -38.67
CA THR L 101 -9.30 -13.47 -38.26
C THR L 101 -8.62 -14.35 -39.31
N ARG L 102 -9.39 -14.93 -40.24
CA ARG L 102 -8.80 -15.74 -41.30
C ARG L 102 -7.93 -14.91 -42.23
N VAL L 103 -8.20 -13.62 -42.37
CA VAL L 103 -7.39 -12.75 -43.19
C VAL L 103 -6.18 -12.30 -42.39
N SER L 104 -5.01 -12.31 -43.04
CA SER L 104 -3.78 -11.89 -42.37
C SER L 104 -3.83 -10.40 -42.02
N GLY L 105 -3.25 -10.04 -40.88
CA GLY L 105 -3.31 -8.69 -40.37
C GLY L 105 -4.44 -8.40 -39.42
N ILE L 106 -5.44 -9.27 -39.36
CA ILE L 106 -6.56 -9.13 -38.44
C ILE L 106 -6.48 -10.27 -37.44
N GLY L 107 -6.40 -9.93 -36.16
CA GLY L 107 -6.36 -10.93 -35.11
C GLY L 107 -7.52 -10.79 -34.14
N PRO L 108 -7.27 -11.08 -32.86
CA PRO L 108 -8.37 -11.02 -31.89
C PRO L 108 -8.95 -9.62 -31.70
N SER L 109 -8.12 -8.66 -31.33
CA SER L 109 -8.61 -7.30 -31.11
C SER L 109 -9.08 -6.66 -32.41
N ALA L 110 -8.38 -6.92 -33.52
CA ALA L 110 -8.76 -6.33 -34.80
C ALA L 110 -10.13 -6.85 -35.25
N ALA L 111 -10.33 -8.17 -35.19
CA ALA L 111 -11.62 -8.73 -35.58
C ALA L 111 -12.71 -8.32 -34.60
N ARG L 112 -12.39 -8.24 -33.32
CA ARG L 112 -13.37 -7.81 -32.32
C ARG L 112 -13.83 -6.37 -32.59
N LYS L 113 -12.88 -5.48 -32.89
CA LYS L 113 -13.23 -4.11 -33.22
C LYS L 113 -14.02 -4.03 -34.52
N PHE L 114 -13.65 -4.85 -35.51
CA PHE L 114 -14.37 -4.85 -36.79
C PHE L 114 -15.81 -5.32 -36.61
N VAL L 115 -16.02 -6.40 -35.83
CA VAL L 115 -17.37 -6.86 -35.54
C VAL L 115 -18.12 -5.81 -34.71
N ASP L 116 -17.41 -5.12 -33.82
CA ASP L 116 -18.02 -4.04 -33.05
C ASP L 116 -18.45 -2.88 -33.95
N GLU L 117 -17.69 -2.63 -35.01
CA GLU L 117 -17.98 -1.55 -35.94
C GLU L 117 -18.88 -1.99 -37.09
N GLY L 118 -19.42 -3.20 -37.06
CA GLY L 118 -20.33 -3.68 -38.07
C GLY L 118 -19.68 -4.39 -39.24
N ILE L 119 -18.35 -4.35 -39.34
CA ILE L 119 -17.64 -5.03 -40.43
C ILE L 119 -17.53 -6.51 -40.07
N LYS L 120 -18.23 -7.35 -40.83
CA LYS L 120 -18.27 -8.78 -40.54
C LYS L 120 -17.84 -9.66 -41.71
N THR L 121 -17.89 -9.16 -42.95
CA THR L 121 -17.56 -9.95 -44.13
C THR L 121 -16.46 -9.27 -44.92
N LEU L 122 -15.90 -10.02 -45.88
CA LEU L 122 -14.87 -9.48 -46.75
C LEU L 122 -15.38 -8.33 -47.61
N GLU L 123 -16.69 -8.26 -47.86
CA GLU L 123 -17.25 -7.12 -48.57
C GLU L 123 -17.03 -5.83 -47.78
N ASP L 124 -17.26 -5.89 -46.46
CA ASP L 124 -16.96 -4.73 -45.62
C ASP L 124 -15.46 -4.45 -45.58
N LEU L 125 -14.64 -5.50 -45.59
CA LEU L 125 -13.19 -5.33 -45.59
C LEU L 125 -12.73 -4.59 -46.84
N ARG L 126 -13.26 -4.95 -48.01
CA ARG L 126 -12.94 -4.23 -49.22
C ARG L 126 -13.52 -2.82 -49.21
N LYS L 127 -14.72 -2.66 -48.67
CA LYS L 127 -15.37 -1.35 -48.60
C LYS L 127 -14.74 -0.44 -47.56
N ASN L 128 -13.90 -0.97 -46.67
CA ASN L 128 -13.24 -0.16 -45.66
C ASN L 128 -11.73 -0.24 -45.81
N GLU L 129 -11.25 -0.13 -47.06
CA GLU L 129 -9.81 -0.17 -47.31
C GLU L 129 -9.09 0.96 -46.59
N ASP L 130 -9.77 2.10 -46.40
CA ASP L 130 -9.20 3.18 -45.61
C ASP L 130 -9.00 2.75 -44.15
N LYS L 131 -9.79 1.79 -43.68
CA LYS L 131 -9.66 1.27 -42.33
C LYS L 131 -8.68 0.11 -42.23
N LEU L 132 -8.05 -0.28 -43.34
CA LEU L 132 -7.09 -1.38 -43.36
C LEU L 132 -5.70 -0.82 -43.67
N ASN L 133 -4.72 -1.29 -42.91
CA ASN L 133 -3.35 -0.84 -43.09
C ASN L 133 -2.76 -1.50 -44.34
N HIS L 134 -1.47 -1.23 -44.61
CA HIS L 134 -0.83 -1.80 -45.79
C HIS L 134 -0.77 -3.32 -45.71
N HIS L 135 -0.39 -3.85 -44.55
CA HIS L 135 -0.40 -5.30 -44.36
C HIS L 135 -1.82 -5.86 -44.42
N GLN L 136 -2.77 -5.16 -43.79
CA GLN L 136 -4.16 -5.59 -43.85
C GLN L 136 -4.71 -5.52 -45.26
N ARG L 137 -4.36 -4.47 -46.00
CA ARG L 137 -4.80 -4.35 -47.40
C ARG L 137 -4.21 -5.45 -48.26
N ILE L 138 -2.93 -5.77 -48.04
CA ILE L 138 -2.29 -6.85 -48.80
C ILE L 138 -2.93 -8.19 -48.47
N GLY L 139 -3.24 -8.41 -47.19
CA GLY L 139 -3.91 -9.64 -46.81
C GLY L 139 -5.30 -9.76 -47.41
N LEU L 140 -6.06 -8.67 -47.44
CA LEU L 140 -7.36 -8.69 -48.08
C LEU L 140 -7.25 -8.92 -49.57
N LYS L 141 -6.26 -8.30 -50.22
CA LYS L 141 -6.07 -8.46 -51.65
C LYS L 141 -5.66 -9.88 -52.01
N TYR L 142 -4.85 -10.51 -51.17
CA TYR L 142 -4.36 -11.86 -51.40
C TYR L 142 -4.86 -12.83 -50.35
N PHE L 143 -6.13 -12.68 -49.95
CA PHE L 143 -6.72 -13.58 -48.96
C PHE L 143 -6.86 -14.99 -49.54
N GLY L 144 -7.45 -15.11 -50.72
CA GLY L 144 -7.59 -16.42 -51.33
C GLY L 144 -6.27 -17.01 -51.76
N ASP L 145 -5.36 -16.18 -52.27
CA ASP L 145 -4.07 -16.67 -52.75
C ASP L 145 -3.22 -17.21 -51.61
N PHE L 146 -3.27 -16.58 -50.44
CA PHE L 146 -2.44 -17.03 -49.33
C PHE L 146 -2.89 -18.38 -48.77
N GLU L 147 -4.17 -18.70 -48.90
CA GLU L 147 -4.70 -19.92 -48.30
C GLU L 147 -4.40 -21.17 -49.12
N LYS L 148 -3.92 -21.04 -50.35
CA LYS L 148 -3.64 -22.18 -51.19
C LYS L 148 -2.30 -22.81 -50.83
N ARG L 149 -2.18 -24.10 -51.08
CA ARG L 149 -0.92 -24.79 -50.88
C ARG L 149 0.00 -24.57 -52.07
N ILE L 150 1.30 -24.66 -51.82
CA ILE L 150 2.32 -24.47 -52.84
C ILE L 150 2.90 -25.82 -53.17
N PRO L 151 2.79 -26.30 -54.41
CA PRO L 151 3.35 -27.61 -54.76
C PRO L 151 4.86 -27.62 -54.65
N ARG L 152 5.41 -28.82 -54.47
CA ARG L 152 6.86 -28.95 -54.36
C ARG L 152 7.57 -28.53 -55.64
N GLU L 153 6.92 -28.69 -56.79
CA GLU L 153 7.50 -28.22 -58.04
C GLU L 153 7.53 -26.69 -58.09
N GLU L 154 6.41 -26.04 -57.78
CA GLU L 154 6.36 -24.58 -57.75
C GLU L 154 7.28 -24.02 -56.68
N MET L 155 7.30 -24.67 -55.51
CA MET L 155 8.19 -24.22 -54.44
C MET L 155 9.66 -24.38 -54.82
N LEU L 156 10.01 -25.49 -55.48
CA LEU L 156 11.37 -25.69 -55.95
C LEU L 156 11.74 -24.66 -57.00
N GLN L 157 10.82 -24.35 -57.92
CA GLN L 157 11.07 -23.35 -58.95
C GLN L 157 11.30 -21.98 -58.31
N MET L 158 10.46 -21.61 -57.34
CA MET L 158 10.63 -20.32 -56.68
C MET L 158 11.90 -20.28 -55.84
N GLN L 159 12.26 -21.39 -55.21
CA GLN L 159 13.51 -21.45 -54.46
C GLN L 159 14.71 -21.31 -55.37
N ASP L 160 14.67 -21.95 -56.55
CA ASP L 160 15.74 -21.81 -57.52
C ASP L 160 15.84 -20.38 -58.03
N ILE L 161 14.70 -19.74 -58.28
CA ILE L 161 14.70 -18.35 -58.73
C ILE L 161 15.29 -17.44 -57.66
N VAL L 162 14.91 -17.68 -56.39
CA VAL L 162 15.43 -16.89 -55.28
C VAL L 162 16.94 -17.11 -55.14
N LEU L 163 17.38 -18.36 -55.28
CA LEU L 163 18.81 -18.66 -55.19
C LEU L 163 19.59 -17.98 -56.31
N ASN L 164 19.04 -17.98 -57.53
CA ASN L 164 19.68 -17.30 -58.65
C ASN L 164 19.76 -15.80 -58.38
N GLU L 165 18.69 -15.21 -57.87
CA GLU L 165 18.71 -13.78 -57.55
C GLU L 165 19.72 -13.47 -56.46
N VAL L 166 19.82 -14.35 -55.46
CA VAL L 166 20.78 -14.15 -54.37
C VAL L 166 22.20 -14.24 -54.89
N LYS L 167 22.48 -15.24 -55.74
CA LYS L 167 23.82 -15.40 -56.30
C LYS L 167 24.19 -14.24 -57.21
N LYS L 168 23.21 -13.71 -57.95
CA LYS L 168 23.46 -12.50 -58.74
C LYS L 168 23.74 -11.31 -57.83
N VAL L 169 22.98 -11.20 -56.73
CA VAL L 169 23.22 -10.12 -55.77
C VAL L 169 24.60 -10.28 -55.12
N ASP L 170 24.92 -11.50 -54.69
CA ASP L 170 26.22 -11.76 -54.08
C ASP L 170 26.50 -13.25 -54.15
N SER L 171 27.68 -13.61 -54.67
CA SER L 171 28.11 -15.00 -54.64
C SER L 171 28.45 -15.46 -53.24
N GLU L 172 28.91 -14.55 -52.38
CA GLU L 172 29.17 -14.88 -50.98
C GLU L 172 27.88 -15.02 -50.19
N TYR L 173 26.75 -14.56 -50.72
CA TYR L 173 25.48 -14.75 -50.06
C TYR L 173 25.09 -16.22 -50.06
N ILE L 174 24.56 -16.68 -48.94
CA ILE L 174 24.13 -18.07 -48.79
C ILE L 174 22.66 -18.06 -48.43
N ALA L 175 21.84 -18.70 -49.26
CA ALA L 175 20.40 -18.78 -49.05
C ALA L 175 20.01 -20.24 -48.90
N THR L 176 19.28 -20.56 -47.84
CA THR L 176 18.86 -21.92 -47.56
C THR L 176 17.35 -21.94 -47.34
N VAL L 177 16.66 -22.79 -48.09
CA VAL L 177 15.23 -22.96 -47.95
C VAL L 177 14.99 -24.03 -46.90
N CYS L 178 14.70 -23.61 -45.67
CA CYS L 178 14.45 -24.54 -44.58
C CYS L 178 12.96 -24.79 -44.45
N GLY L 179 12.59 -25.62 -43.48
CA GLY L 179 11.19 -25.94 -43.25
C GLY L 179 10.76 -27.27 -43.81
N SER L 180 9.48 -27.37 -44.17
CA SER L 180 8.94 -28.61 -44.70
C SER L 180 9.56 -28.97 -46.04
N PHE L 181 9.86 -27.96 -46.87
CA PHE L 181 10.51 -28.22 -48.15
C PHE L 181 11.90 -28.83 -47.95
N ARG L 182 12.66 -28.30 -46.99
CA ARG L 182 13.95 -28.88 -46.65
C ARG L 182 13.79 -30.29 -46.11
N ARG L 183 12.75 -30.51 -45.29
CA ARG L 183 12.45 -31.84 -44.79
C ARG L 183 11.91 -32.76 -45.87
N GLY L 184 11.61 -32.23 -47.05
CA GLY L 184 11.16 -33.04 -48.16
C GLY L 184 9.66 -33.12 -48.35
N ALA L 185 8.90 -32.27 -47.67
CA ALA L 185 7.45 -32.31 -47.83
C ALA L 185 7.05 -31.85 -49.23
N GLU L 186 5.99 -32.46 -49.74
CA GLU L 186 5.51 -32.16 -51.09
C GLU L 186 4.86 -30.79 -51.19
N SER L 187 4.54 -30.15 -50.06
CA SER L 187 3.87 -28.87 -50.11
C SER L 187 4.24 -28.05 -48.88
N SER L 188 4.04 -26.73 -49.01
CA SER L 188 4.20 -25.80 -47.91
C SER L 188 3.25 -24.64 -48.14
N GLY L 189 2.94 -23.92 -47.07
CA GLY L 189 2.05 -22.79 -47.18
C GLY L 189 2.78 -21.51 -47.54
N ASP L 190 4.10 -21.52 -47.34
CA ASP L 190 4.91 -20.32 -47.49
C ASP L 190 6.37 -20.74 -47.64
N MET L 191 7.21 -19.78 -47.98
CA MET L 191 8.65 -20.00 -48.15
C MET L 191 9.42 -19.24 -47.06
N ASP L 192 10.30 -19.96 -46.36
CA ASP L 192 11.11 -19.40 -45.29
C ASP L 192 12.59 -19.59 -45.65
N VAL L 193 13.24 -18.50 -46.04
CA VAL L 193 14.64 -18.52 -46.45
C VAL L 193 15.50 -17.98 -45.32
N LEU L 194 16.54 -18.72 -44.97
CA LEU L 194 17.56 -18.26 -44.05
C LEU L 194 18.79 -17.90 -44.86
N LEU L 195 19.25 -16.66 -44.71
CA LEU L 195 20.33 -16.12 -45.51
C LEU L 195 21.46 -15.65 -44.61
N THR L 196 22.67 -15.75 -45.13
CA THR L 196 23.85 -15.36 -44.39
C THR L 196 24.82 -14.66 -45.32
N HIS L 197 25.83 -14.03 -44.73
CA HIS L 197 26.91 -13.39 -45.44
C HIS L 197 28.15 -13.54 -44.58
N PRO L 198 29.30 -13.83 -45.18
CA PRO L 198 30.53 -13.93 -44.39
C PRO L 198 30.87 -12.65 -43.65
N SER L 199 30.57 -11.49 -44.24
CA SER L 199 30.83 -10.21 -43.60
C SER L 199 29.78 -9.85 -42.57
N PHE L 200 28.67 -10.58 -42.51
CA PHE L 200 27.61 -10.35 -41.53
C PHE L 200 27.71 -11.46 -40.48
N THR L 201 28.28 -11.12 -39.34
CA THR L 201 28.48 -12.06 -38.24
C THR L 201 27.83 -11.51 -36.97
N SER L 202 28.03 -12.24 -35.86
CA SER L 202 27.47 -11.82 -34.59
C SER L 202 28.11 -10.54 -34.07
N GLU L 203 29.38 -10.30 -34.41
CA GLU L 203 30.09 -9.09 -34.04
C GLU L 203 30.51 -8.31 -35.28
N SER L 204 29.62 -8.24 -36.27
CA SER L 204 29.91 -7.53 -37.51
C SER L 204 28.69 -6.76 -38.00
N GLN L 207 26.44 -5.82 -42.84
CA GLN L 207 25.90 -4.55 -43.31
C GLN L 207 24.37 -4.55 -43.25
N PRO L 208 23.80 -3.42 -42.83
CA PRO L 208 22.33 -3.35 -42.75
C PRO L 208 21.65 -3.38 -44.11
N LYS L 209 22.37 -3.12 -45.19
CA LYS L 209 21.79 -3.12 -46.53
C LYS L 209 22.02 -4.43 -47.27
N LEU L 210 22.58 -5.44 -46.59
CA LEU L 210 22.80 -6.73 -47.24
C LEU L 210 21.47 -7.38 -47.61
N LEU L 211 20.49 -7.33 -46.71
CA LEU L 211 19.16 -7.81 -47.05
C LEU L 211 18.46 -6.88 -48.03
N HIS L 212 18.75 -5.58 -47.95
CA HIS L 212 18.13 -4.62 -48.86
C HIS L 212 18.54 -4.89 -50.30
N GLN L 213 19.82 -5.22 -50.52
CA GLN L 213 20.28 -5.54 -51.88
C GLN L 213 19.58 -6.77 -52.43
N VAL L 214 19.43 -7.80 -51.61
CA VAL L 214 18.74 -9.02 -52.05
C VAL L 214 17.27 -8.73 -52.34
N VAL L 215 16.64 -7.90 -51.49
CA VAL L 215 15.24 -7.54 -51.71
C VAL L 215 15.08 -6.78 -53.01
N GLU L 216 15.99 -5.84 -53.28
CA GLU L 216 15.94 -5.08 -54.53
C GLU L 216 16.15 -5.98 -55.73
N GLN L 217 17.08 -6.95 -55.62
CA GLN L 217 17.30 -7.89 -56.71
C GLN L 217 16.08 -8.75 -56.97
N LEU L 218 15.43 -9.22 -55.92
CA LEU L 218 14.23 -10.05 -56.09
C LEU L 218 13.06 -9.25 -56.63
N GLN L 219 12.91 -7.99 -56.21
CA GLN L 219 11.81 -7.16 -56.71
C GLN L 219 12.05 -6.71 -58.15
N LYS L 220 13.32 -6.51 -58.52
CA LYS L 220 13.64 -6.10 -59.88
C LYS L 220 13.31 -7.19 -60.89
N VAL L 221 13.50 -8.46 -60.51
CA VAL L 221 13.27 -9.59 -61.40
C VAL L 221 11.80 -9.97 -61.38
N HIS L 222 10.98 -9.14 -60.73
CA HIS L 222 9.53 -9.33 -60.64
C HIS L 222 9.17 -10.65 -59.96
N PHE L 223 10.04 -11.13 -59.07
CA PHE L 223 9.72 -12.32 -58.29
C PHE L 223 8.86 -11.96 -57.08
N ILE L 224 9.35 -11.05 -56.25
CA ILE L 224 8.58 -10.53 -55.13
C ILE L 224 7.60 -9.49 -55.67
N THR L 225 6.32 -9.69 -55.41
CA THR L 225 5.29 -8.79 -55.90
C THR L 225 4.90 -7.70 -54.91
N ASP L 226 4.82 -8.02 -53.62
CA ASP L 226 4.48 -7.03 -52.61
C ASP L 226 5.35 -7.24 -51.37
N THR L 227 5.54 -6.17 -50.61
CA THR L 227 6.34 -6.20 -49.39
C THR L 227 5.48 -5.77 -48.23
N LEU L 228 5.39 -6.61 -47.20
CA LEU L 228 4.60 -6.29 -46.01
C LEU L 228 5.44 -5.51 -44.98
N SER L 229 6.66 -5.98 -44.73
CA SER L 229 7.55 -5.31 -43.79
C SER L 229 8.98 -5.72 -44.13
N LYS L 230 9.89 -4.76 -44.05
CA LYS L 230 11.29 -4.98 -44.42
C LYS L 230 12.17 -4.32 -43.37
N GLY L 231 13.00 -5.13 -42.71
CA GLY L 231 13.97 -4.59 -41.77
C GLY L 231 15.39 -5.00 -42.12
N GLU L 232 16.33 -4.75 -41.21
CA GLU L 232 17.73 -5.11 -41.45
C GLU L 232 18.01 -6.59 -41.21
N THR L 233 17.07 -7.33 -40.61
CA THR L 233 17.25 -8.74 -40.32
C THR L 233 16.30 -9.63 -41.10
N LYS L 234 15.01 -9.30 -41.13
CA LYS L 234 14.03 -10.12 -41.81
C LYS L 234 13.12 -9.25 -42.66
N PHE L 235 12.69 -9.80 -43.78
CA PHE L 235 11.74 -9.16 -44.68
C PHE L 235 10.65 -10.16 -45.02
N MET L 236 9.41 -9.69 -45.00
CA MET L 236 8.24 -10.52 -45.27
C MET L 236 7.41 -9.87 -46.38
N GLY L 237 6.99 -10.67 -47.35
CA GLY L 237 6.16 -10.17 -48.41
C GLY L 237 5.46 -11.29 -49.13
N VAL L 238 4.91 -10.96 -50.30
CA VAL L 238 4.22 -11.92 -51.16
C VAL L 238 4.92 -11.96 -52.52
N CYS L 239 5.21 -13.18 -52.98
CA CYS L 239 5.87 -13.44 -54.25
C CYS L 239 5.12 -14.56 -54.96
N GLN L 240 5.22 -14.56 -56.29
CA GLN L 240 4.51 -15.54 -57.10
C GLN L 240 5.32 -15.88 -58.34
N LEU L 241 5.39 -17.18 -58.65
CA LEU L 241 6.10 -17.62 -59.85
C LEU L 241 5.38 -17.13 -61.10
N PRO L 242 6.10 -16.57 -62.07
CA PRO L 242 5.44 -16.06 -63.28
C PRO L 242 4.96 -17.18 -64.19
N SER L 243 3.88 -16.90 -64.91
CA SER L 243 3.35 -17.81 -65.90
C SER L 243 4.06 -17.60 -67.24
N LYS L 244 4.05 -18.64 -68.07
CA LYS L 244 4.75 -18.62 -69.35
C LYS L 244 3.90 -18.04 -70.47
N ASN L 245 3.34 -16.85 -70.22
CA ASN L 245 2.71 -15.99 -71.23
C ASN L 245 1.43 -16.58 -71.83
N ASP L 246 1.07 -17.80 -71.44
CA ASP L 246 -0.14 -18.43 -71.95
C ASP L 246 -0.97 -19.12 -70.87
N GLU L 247 -0.38 -19.52 -69.76
CA GLU L 247 -1.09 -20.21 -68.70
C GLU L 247 -1.62 -19.23 -67.66
N LYS L 248 -2.46 -19.75 -66.76
CA LYS L 248 -2.96 -18.94 -65.65
C LYS L 248 -1.82 -18.59 -64.71
N GLU L 249 -1.90 -17.39 -64.13
CA GLU L 249 -0.86 -16.93 -63.22
C GLU L 249 -0.86 -17.76 -61.94
N TYR L 250 0.34 -17.98 -61.40
CA TYR L 250 0.46 -18.76 -60.18
C TYR L 250 -0.07 -17.97 -58.98
N PRO L 251 -0.63 -18.66 -57.99
CA PRO L 251 -1.16 -17.96 -56.81
C PRO L 251 -0.05 -17.30 -56.00
N HIS L 252 -0.41 -16.20 -55.34
CA HIS L 252 0.54 -15.50 -54.48
C HIS L 252 0.87 -16.34 -53.25
N ARG L 253 2.16 -16.35 -52.89
CA ARG L 253 2.64 -17.10 -51.75
C ARG L 253 3.45 -16.18 -50.84
N ARG L 254 3.42 -16.44 -49.54
CA ARG L 254 4.13 -15.62 -48.58
C ARG L 254 5.58 -16.06 -48.52
N ILE L 255 6.48 -15.11 -48.73
CA ILE L 255 7.91 -15.37 -48.68
C ILE L 255 8.52 -14.48 -47.61
N ASP L 256 9.26 -15.11 -46.69
CA ASP L 256 9.98 -14.42 -45.63
C ASP L 256 11.44 -14.82 -45.71
N ILE L 257 12.33 -13.84 -45.69
CA ILE L 257 13.77 -14.06 -45.76
C ILE L 257 14.41 -13.38 -44.55
N ARG L 258 15.17 -14.15 -43.78
CA ARG L 258 15.79 -13.66 -42.55
C ARG L 258 17.30 -13.79 -42.66
N LEU L 259 18.01 -12.70 -42.36
CA LEU L 259 19.47 -12.66 -42.45
C LEU L 259 20.07 -13.08 -41.12
N ILE L 260 21.04 -13.97 -41.16
CA ILE L 260 21.60 -14.55 -39.94
C ILE L 260 23.12 -14.41 -39.97
N PRO L 261 23.77 -14.34 -38.80
CA PRO L 261 25.22 -14.27 -38.77
C PRO L 261 25.85 -15.55 -39.29
N LYS L 262 27.10 -15.44 -39.74
CA LYS L 262 27.82 -16.61 -40.25
C LYS L 262 27.99 -17.67 -39.17
N ASP L 263 28.30 -17.25 -37.94
CA ASP L 263 28.38 -18.18 -36.82
C ASP L 263 27.01 -18.64 -36.33
N GLN L 264 25.93 -18.02 -36.81
CA GLN L 264 24.58 -18.37 -36.38
C GLN L 264 23.72 -18.94 -37.51
N TYR L 265 24.20 -18.90 -38.76
CA TYR L 265 23.40 -19.34 -39.89
C TYR L 265 23.10 -20.83 -39.83
N TYR L 266 24.10 -21.64 -39.45
CA TYR L 266 23.89 -23.09 -39.40
C TYR L 266 22.87 -23.46 -38.33
N CYS L 267 22.96 -22.83 -37.16
CA CYS L 267 21.98 -23.10 -36.11
C CYS L 267 20.59 -22.62 -36.51
N GLY L 268 20.51 -21.46 -37.15
CA GLY L 268 19.21 -20.98 -37.61
C GLY L 268 18.58 -21.89 -38.65
N VAL L 269 19.39 -22.36 -39.59
CA VAL L 269 18.90 -23.28 -40.62
C VAL L 269 18.48 -24.60 -40.01
N LEU L 270 19.26 -25.11 -39.06
CA LEU L 270 18.92 -26.36 -38.39
C LEU L 270 17.62 -26.24 -37.61
N TYR L 271 17.44 -25.12 -36.90
CA TYR L 271 16.21 -24.89 -36.16
C TYR L 271 15.02 -24.76 -37.10
N PHE L 272 15.19 -24.03 -38.21
CA PHE L 272 14.09 -23.79 -39.13
C PHE L 272 13.81 -24.97 -40.04
N THR L 273 14.71 -25.96 -40.10
CA THR L 273 14.46 -27.15 -40.89
C THR L 273 13.36 -28.00 -40.27
N GLY L 274 13.30 -28.05 -38.95
CA GLY L 274 12.29 -28.83 -38.26
C GLY L 274 12.69 -30.28 -38.11
N SER L 275 11.72 -31.07 -37.66
CA SER L 275 10.40 -30.58 -37.28
C SER L 275 10.38 -30.20 -35.82
N ASP L 276 9.19 -29.82 -35.33
CA ASP L 276 9.06 -29.42 -33.93
C ASP L 276 9.40 -30.57 -33.00
N ILE L 277 8.93 -31.77 -33.31
CA ILE L 277 9.27 -32.94 -32.51
C ILE L 277 10.76 -33.24 -32.61
N PHE L 278 11.33 -33.13 -33.81
CA PHE L 278 12.76 -33.35 -33.98
C PHE L 278 13.58 -32.29 -33.24
N ASN L 279 13.14 -31.03 -33.31
CA ASN L 279 13.83 -29.97 -32.59
C ASN L 279 13.76 -30.20 -31.09
N LYS L 280 12.60 -30.62 -30.58
CA LYS L 280 12.47 -30.92 -29.16
C LYS L 280 13.35 -32.09 -28.74
N ASN L 281 13.40 -33.13 -29.57
CA ASN L 281 14.23 -34.29 -29.25
C ASN L 281 15.71 -33.92 -29.25
N MET L 282 16.15 -33.14 -30.23
CA MET L 282 17.54 -32.71 -30.27
C MET L 282 17.88 -31.81 -29.08
N ARG L 283 16.97 -30.91 -28.71
CA ARG L 283 17.21 -30.05 -27.56
C ARG L 283 17.26 -30.86 -26.26
N ALA L 284 16.40 -31.88 -26.13
CA ALA L 284 16.43 -32.73 -24.95
C ALA L 284 17.72 -33.54 -24.90
N HIS L 285 18.18 -34.05 -26.05
CA HIS L 285 19.43 -34.79 -26.09
C HIS L 285 20.60 -33.88 -25.71
N ALA L 286 20.59 -32.64 -26.20
CA ALA L 286 21.65 -31.69 -25.84
C ALA L 286 21.61 -31.37 -24.36
N LEU L 287 20.42 -31.14 -23.80
CA LEU L 287 20.31 -30.81 -22.39
C LEU L 287 20.77 -31.96 -21.51
N GLU L 288 20.43 -33.20 -21.89
CA GLU L 288 20.92 -34.36 -21.17
C GLU L 288 22.42 -34.57 -21.41
N LYS L 289 22.98 -33.98 -22.47
CA LYS L 289 24.40 -34.02 -22.72
C LYS L 289 25.14 -32.81 -22.17
N GLY L 290 24.45 -31.97 -21.40
CA GLY L 290 25.09 -30.79 -20.83
C GLY L 290 25.28 -29.64 -21.79
N PHE L 291 24.39 -29.49 -22.77
CA PHE L 291 24.47 -28.40 -23.73
C PHE L 291 23.08 -27.81 -23.94
N THR L 292 23.05 -26.57 -24.42
CA THR L 292 21.82 -25.88 -24.77
C THR L 292 21.89 -25.49 -26.24
N ILE L 293 20.84 -25.83 -26.98
CA ILE L 293 20.80 -25.61 -28.42
C ILE L 293 19.66 -24.63 -28.72
N ASN L 294 19.98 -23.57 -29.44
CA ASN L 294 18.99 -22.55 -29.76
C ASN L 294 19.00 -22.21 -31.24
N GLU L 295 18.17 -21.25 -31.64
CA GLU L 295 18.15 -20.82 -33.04
C GLU L 295 19.44 -20.10 -33.43
N TYR L 296 20.14 -19.53 -32.44
CA TYR L 296 21.33 -18.73 -32.74
C TYR L 296 22.59 -19.59 -32.75
N THR L 297 22.87 -20.28 -31.66
CA THR L 297 24.04 -21.15 -31.58
C THR L 297 23.77 -22.25 -30.57
N ILE L 298 24.80 -23.02 -30.24
CA ILE L 298 24.76 -24.03 -29.20
C ILE L 298 25.87 -23.75 -28.21
N ARG L 299 25.53 -23.79 -26.93
CA ARG L 299 26.43 -23.44 -25.84
C ARG L 299 26.56 -24.59 -24.86
N PRO L 300 27.68 -24.71 -24.17
CA PRO L 300 27.78 -25.71 -23.09
C PRO L 300 26.94 -25.29 -21.90
N LEU L 301 26.47 -26.28 -21.15
CA LEU L 301 25.72 -26.06 -19.92
C LEU L 301 26.57 -26.49 -18.74
N GLY L 302 26.66 -25.63 -17.73
CA GLY L 302 27.51 -25.87 -16.59
C GLY L 302 26.89 -26.85 -15.60
N VAL L 303 27.68 -27.14 -14.55
CA VAL L 303 27.20 -28.03 -13.50
C VAL L 303 26.06 -27.40 -12.72
N THR L 304 26.04 -26.08 -12.62
CA THR L 304 24.96 -25.36 -11.98
C THR L 304 23.90 -24.87 -12.96
N GLY L 305 23.98 -25.32 -14.21
CA GLY L 305 23.08 -24.88 -15.24
C GLY L 305 23.48 -23.59 -15.91
N VAL L 306 24.58 -22.97 -15.49
CA VAL L 306 25.05 -21.74 -16.10
C VAL L 306 25.66 -22.07 -17.45
N ALA L 307 25.19 -21.42 -18.50
CA ALA L 307 25.66 -21.68 -19.84
C ALA L 307 27.00 -20.98 -20.08
N GLY L 308 27.93 -21.70 -20.70
CA GLY L 308 29.22 -21.15 -21.02
C GLY L 308 29.20 -20.41 -22.34
N GLU L 309 30.38 -20.19 -22.89
CA GLU L 309 30.48 -19.54 -24.19
C GLU L 309 29.85 -20.42 -25.26
N PRO L 310 29.05 -19.87 -26.17
CA PRO L 310 28.45 -20.71 -27.22
C PRO L 310 29.52 -21.33 -28.10
N LEU L 311 29.31 -22.59 -28.45
CA LEU L 311 30.27 -23.25 -29.32
C LEU L 311 30.16 -22.71 -30.73
N PRO L 312 31.28 -22.67 -31.46
CA PRO L 312 31.21 -22.20 -32.85
C PRO L 312 30.33 -23.10 -33.69
N VAL L 313 29.52 -22.48 -34.55
CA VAL L 313 28.58 -23.20 -35.40
C VAL L 313 28.97 -22.94 -36.84
N ASP L 314 29.28 -24.01 -37.57
CA ASP L 314 29.58 -23.93 -38.98
C ASP L 314 28.83 -24.95 -39.83
N SER L 315 28.14 -25.90 -39.23
CA SER L 315 27.40 -26.92 -39.96
C SER L 315 26.41 -27.59 -39.02
N GLU L 316 25.41 -28.24 -39.62
CA GLU L 316 24.44 -29.00 -38.84
C GLU L 316 25.08 -30.22 -38.20
N LYS L 317 26.00 -30.88 -38.91
CA LYS L 317 26.69 -32.04 -38.37
C LYS L 317 27.53 -31.67 -37.15
N ASP L 318 28.13 -30.48 -37.15
CA ASP L 318 28.89 -30.03 -36.00
C ASP L 318 27.99 -29.85 -34.78
N ILE L 319 26.80 -29.30 -34.98
CA ILE L 319 25.84 -29.16 -33.88
C ILE L 319 25.38 -30.53 -33.39
N PHE L 320 25.13 -31.45 -34.32
CA PHE L 320 24.69 -32.79 -33.93
C PHE L 320 25.77 -33.51 -33.12
N ASP L 321 27.03 -33.38 -33.54
CA ASP L 321 28.13 -33.99 -32.79
C ASP L 321 28.39 -33.25 -31.48
N TYR L 322 28.01 -31.97 -31.41
CA TYR L 322 28.16 -31.22 -30.17
C TYR L 322 27.29 -31.80 -29.06
N ILE L 323 26.09 -32.26 -29.42
CA ILE L 323 25.17 -32.85 -28.45
C ILE L 323 25.36 -34.36 -28.43
N GLN L 324 26.44 -34.83 -29.06
CA GLN L 324 26.77 -36.25 -29.16
C GLN L 324 25.61 -37.05 -29.78
N TRP L 325 25.15 -36.58 -30.93
CA TRP L 325 24.06 -37.21 -31.66
C TRP L 325 24.47 -37.38 -33.11
N LYS L 326 24.04 -38.49 -33.71
CA LYS L 326 24.36 -38.75 -35.11
C LYS L 326 23.65 -37.72 -36.00
N TYR L 327 24.37 -37.23 -37.00
CA TYR L 327 23.81 -36.28 -37.94
C TYR L 327 22.70 -36.94 -38.77
N ARG L 328 21.56 -36.29 -38.85
CA ARG L 328 20.39 -36.81 -39.53
C ARG L 328 20.00 -35.87 -40.67
N GLU L 329 19.64 -36.45 -41.81
CA GLU L 329 19.17 -35.65 -42.93
C GLU L 329 17.83 -34.99 -42.59
N PRO L 330 17.52 -33.86 -43.22
CA PRO L 330 16.24 -33.19 -42.92
C PRO L 330 15.02 -34.04 -43.21
N LYS L 331 15.12 -34.99 -44.16
CA LYS L 331 14.02 -35.91 -44.39
C LYS L 331 13.75 -36.80 -43.19
N ASP L 332 14.80 -37.13 -42.44
CA ASP L 332 14.68 -37.93 -41.23
C ASP L 332 14.45 -37.10 -39.98
N ARG L 333 14.24 -35.79 -40.14
CA ARG L 333 14.02 -34.88 -39.03
C ARG L 333 12.55 -34.62 -38.77
N SER L 334 11.70 -35.64 -38.96
CA SER L 334 10.28 -35.50 -38.64
C SER L 334 10.07 -35.44 -37.13
N GLU L 335 10.81 -36.24 -36.37
CA GLU L 335 10.64 -36.30 -34.93
C GLU L 335 11.92 -36.73 -34.22
#